data_6PPN
#
_entry.id   6PPN
#
_cell.length_a   70.280
_cell.length_b   135.390
_cell.length_c   168.020
_cell.angle_alpha   90.000
_cell.angle_beta   90.000
_cell.angle_gamma   90.000
#
_symmetry.space_group_name_H-M   'P 2 21 21'
#
loop_
_entity.id
_entity.type
_entity.pdbx_description
1 polymer 'Mimic of unprocessed U6 snRNA'
2 polymer 'U6 snRNA-associated Sm-like protein LSm2'
3 polymer 'Probable U6 snRNA-associated Sm-like protein LSm3'
4 polymer 'Probable U6 snRNA-associated Sm-like protein LSm4'
5 polymer 'U6 snRNA-associated Sm-like protein LSm5'
6 polymer 'U6 snRNA-associated Sm-like protein LSm6'
7 polymer 'U6 snRNA-associated Sm-like protein LSm7'
8 polymer 'U6 snRNA-associated Sm-like protein LSm8'
9 water water
#
loop_
_entity_poly.entity_id
_entity_poly.type
_entity_poly.pdbx_seq_one_letter_code
_entity_poly.pdbx_strand_id
1 'polyribonucleotide' UUUUUU A,I
2 'polypeptide(L)'
;MLFYSFFKTLIDTEVTVELKNDMSIRGILKSVDQFLNVKLENISVVDASKYPHMAAVKDLFIRGSVVRYVHMSSAYVDTI
LLADACRRDLANNKRQ
;
B,J
3 'polypeptide(L)'
;GSMESAQAVAEPLDLVRLSLDEIVYVKLRGDRELNGRLHAYDEHLNMVLGDAEEIVTIFDDEETDKDKALKTIRKHYEML
FVRGDSVILIAPPRN
;
C,K
4 'polypeptide(L)'
;MLPLTLLNATQGRPILVELKNGETFNGHLENCDNYMNLTLREVIRTMPDGDKFFRLPECYIRGNNIKYLRIQDEVLSQVA
KQQAQQRENRGSRFRGRGQRGRGNYGHTAPNRRGRGRGGHMWSHPQFEK
;
D,L
5 'polypeptide(L)' MSMTILPLELIDKCIGSNLWVIMKSEREFAGTLVGFDDYVNIVLKDVTEYDTVTGVTEKHSEMLLNGNGMCMLIPGGKPE E,M
6 'polypeptide(L)' GSMDSSPNEFLNKVIGKKVLIRLSSGVDYKGILSCLDGYMNLALERTEEYVNGKKTNVYGDAFIRGNNVLYVSALDD F,N
7 'polypeptide(L)'
;MSSLQKRPGPGNSSQPTERPRKESILDLSRYQDQRIQATFTGGRQITGILKGFDQLMNLVLDDVEEQLRNPEDGKLTGAI
RKLGLVVVRGTTLVLIAPMDGSEEIPNPFVQAEHHHHHH
;
G,O
8 'polypeptide(L)'
;MSLADFMEQRVQVITNDGRVVLGSLKGFDHTTNLILSDSFERIISMDQDMETIPLGVYLLRGENVAMVGLVNEELDSEIE
WTKIRGEAIPDVVH
;
H,P
#
loop_
_chem_comp.id
_chem_comp.type
_chem_comp.name
_chem_comp.formula
U RNA linking URIDINE-5'-MONOPHOSPHATE 'C9 H13 N2 O9 P'
#
# COMPACT_ATOMS: atom_id res chain seq x y z
N MET B 1 20.03 -28.04 -12.53
CA MET B 1 18.92 -28.45 -13.36
C MET B 1 17.65 -28.73 -12.57
N LEU B 2 17.75 -28.76 -11.23
CA LEU B 2 16.58 -29.13 -10.45
C LEU B 2 15.45 -28.13 -10.65
N PHE B 3 15.74 -26.82 -10.53
CA PHE B 3 14.61 -25.89 -10.60
C PHE B 3 14.25 -25.55 -12.04
N TYR B 4 15.20 -25.61 -12.97
CA TYR B 4 14.85 -25.56 -14.37
C TYR B 4 13.87 -26.69 -14.72
N SER B 5 14.15 -27.91 -14.26
CA SER B 5 13.22 -29.02 -14.53
C SER B 5 11.88 -28.80 -13.85
N PHE B 6 11.91 -28.32 -12.61
CA PHE B 6 10.68 -28.03 -11.90
C PHE B 6 9.84 -27.02 -12.67
N PHE B 7 10.44 -25.93 -13.11
CA PHE B 7 9.68 -24.93 -13.84
C PHE B 7 9.16 -25.48 -15.15
N LYS B 8 9.90 -26.37 -15.80
CA LYS B 8 9.34 -26.95 -17.00
C LYS B 8 8.03 -27.65 -16.71
N THR B 9 7.92 -28.34 -15.57
CA THR B 9 6.64 -29.01 -15.32
C THR B 9 5.47 -28.04 -15.12
N LEU B 10 5.75 -26.76 -14.88
CA LEU B 10 4.71 -25.74 -14.69
C LEU B 10 4.37 -24.99 -15.98
N ILE B 11 5.01 -25.34 -17.10
CA ILE B 11 4.66 -24.72 -18.36
C ILE B 11 3.19 -24.99 -18.58
N ASP B 12 2.46 -24.00 -19.12
CA ASP B 12 1.03 -24.00 -19.38
C ASP B 12 0.16 -23.72 -18.14
N THR B 13 0.74 -23.50 -16.96
CA THR B 13 -0.06 -23.20 -15.78
C THR B 13 0.17 -21.74 -15.40
N GLU B 14 -0.77 -21.19 -14.64
CA GLU B 14 -0.69 -19.78 -14.31
C GLU B 14 0.27 -19.55 -13.13
N VAL B 15 1.21 -18.62 -13.29
CA VAL B 15 2.13 -18.25 -12.20
C VAL B 15 2.07 -16.73 -12.00
N THR B 16 2.62 -16.28 -10.84
CA THR B 16 2.83 -14.86 -10.57
C THR B 16 4.30 -14.69 -10.22
N VAL B 17 4.99 -13.83 -10.98
CA VAL B 17 6.40 -13.56 -10.78
C VAL B 17 6.51 -12.23 -10.07
N GLU B 18 7.10 -12.22 -8.88
CA GLU B 18 7.36 -10.98 -8.18
C GLU B 18 8.79 -10.62 -8.47
N LEU B 19 9.02 -9.39 -8.91
CA LEU B 19 10.36 -8.99 -9.34
C LEU B 19 11.02 -8.17 -8.24
N LYS B 20 12.34 -8.01 -8.36
CA LYS B 20 13.09 -7.24 -7.38
C LYS B 20 12.87 -5.74 -7.49
N ASN B 21 12.06 -5.25 -8.44
CA ASN B 21 11.61 -3.85 -8.42
C ASN B 21 10.21 -3.73 -7.87
N ASP B 22 9.71 -4.77 -7.21
CA ASP B 22 8.43 -4.84 -6.49
C ASP B 22 7.23 -4.96 -7.44
N MET B 23 7.41 -4.92 -8.76
CA MET B 23 6.36 -5.31 -9.68
C MET B 23 6.10 -6.81 -9.62
N SER B 24 4.84 -7.17 -9.80
CA SER B 24 4.42 -8.55 -9.91
C SER B 24 3.62 -8.74 -11.19
N ILE B 25 3.90 -9.81 -11.91
CA ILE B 25 3.25 -10.09 -13.18
C ILE B 25 2.66 -11.49 -13.17
N ARG B 26 1.36 -11.59 -13.45
CA ARG B 26 0.64 -12.86 -13.54
C ARG B 26 0.49 -13.27 -14.99
N GLY B 27 0.66 -14.56 -15.28
CA GLY B 27 0.52 -15.00 -16.66
C GLY B 27 0.77 -16.48 -16.78
N ILE B 28 0.57 -17.00 -17.99
CA ILE B 28 0.80 -18.43 -18.26
C ILE B 28 2.27 -18.66 -18.55
N LEU B 29 2.92 -19.51 -17.75
CA LEU B 29 4.32 -19.86 -18.04
C LEU B 29 4.38 -20.60 -19.36
N LYS B 30 5.13 -20.06 -20.31
CA LYS B 30 5.30 -20.69 -21.61
C LYS B 30 6.70 -21.23 -21.83
N SER B 31 7.70 -20.72 -21.12
CA SER B 31 9.06 -21.14 -21.40
C SER B 31 9.95 -20.85 -20.20
N VAL B 32 11.03 -21.62 -20.05
CA VAL B 32 12.00 -21.37 -18.97
C VAL B 32 13.34 -21.89 -19.46
N ASP B 33 14.47 -21.25 -19.05
CA ASP B 33 15.78 -21.81 -19.46
C ASP B 33 16.72 -22.04 -18.29
N GLN B 34 17.98 -22.39 -18.59
CA GLN B 34 18.92 -22.77 -17.51
C GLN B 34 19.16 -21.63 -16.54
N PHE B 35 19.02 -20.38 -17.00
CA PHE B 35 19.17 -19.22 -16.13
C PHE B 35 17.92 -18.92 -15.35
N LEU B 36 16.87 -19.70 -15.57
CA LEU B 36 15.55 -19.41 -15.03
C LEU B 36 14.99 -18.08 -15.55
N ASN B 37 15.51 -17.58 -16.66
CA ASN B 37 14.76 -16.64 -17.47
C ASN B 37 13.40 -17.27 -17.76
N VAL B 38 12.36 -16.46 -17.81
CA VAL B 38 11.02 -17.03 -17.90
C VAL B 38 10.20 -16.26 -18.96
N LYS B 39 9.35 -16.96 -19.71
CA LYS B 39 8.46 -16.28 -20.65
C LYS B 39 7.02 -16.52 -20.22
N LEU B 40 6.28 -15.44 -20.03
CA LEU B 40 4.88 -15.51 -19.62
C LEU B 40 4.02 -15.02 -20.78
N GLU B 41 2.84 -15.60 -20.94
CA GLU B 41 1.92 -15.20 -21.98
C GLU B 41 0.60 -14.72 -21.38
N ASN B 42 -0.06 -13.81 -22.10
CA ASN B 42 -1.28 -13.16 -21.66
C ASN B 42 -1.12 -12.61 -20.25
N ILE B 43 -0.06 -11.83 -20.08
CA ILE B 43 0.24 -11.31 -18.75
C ILE B 43 -0.75 -10.22 -18.37
N SER B 44 -0.95 -10.05 -17.07
CA SER B 44 -1.54 -8.82 -16.56
C SER B 44 -0.75 -8.40 -15.33
N VAL B 45 -0.25 -7.17 -15.34
CA VAL B 45 0.46 -6.61 -14.19
C VAL B 45 -0.50 -6.55 -13.01
N VAL B 46 -0.04 -7.01 -11.84
CA VAL B 46 -0.94 -7.14 -10.70
C VAL B 46 -1.59 -5.81 -10.35
N ASP B 47 -0.81 -4.75 -10.25
CA ASP B 47 -1.39 -3.45 -9.86
C ASP B 47 -1.39 -2.51 -11.07
N ALA B 48 -2.29 -2.80 -12.01
CA ALA B 48 -2.10 -2.23 -13.35
C ALA B 48 -2.30 -0.73 -13.37
N SER B 49 -3.11 -0.18 -12.46
CA SER B 49 -3.25 1.26 -12.47
C SER B 49 -2.01 1.95 -11.90
N LYS B 50 -1.26 1.26 -11.03
CA LYS B 50 0.06 1.77 -10.66
C LYS B 50 1.00 1.79 -11.86
N TYR B 51 0.98 0.73 -12.67
CA TYR B 51 1.92 0.55 -13.78
C TYR B 51 1.13 0.35 -15.08
N PRO B 52 0.65 1.42 -15.69
CA PRO B 52 -0.06 1.27 -16.97
C PRO B 52 0.86 1.04 -18.15
N HIS B 53 2.17 0.94 -17.91
CA HIS B 53 3.15 0.90 -18.99
C HIS B 53 3.01 -0.34 -19.86
N MET B 54 2.44 -1.42 -19.32
CA MET B 54 2.43 -2.69 -20.04
C MET B 54 1.05 -3.04 -20.54
N ALA B 55 0.20 -2.03 -20.74
CA ALA B 55 -1.15 -2.26 -21.23
C ALA B 55 -1.16 -2.80 -22.65
N ALA B 56 -0.07 -2.68 -23.39
CA ALA B 56 -0.02 -3.18 -24.76
C ALA B 56 0.84 -4.43 -24.88
N VAL B 57 1.29 -4.97 -23.76
CA VAL B 57 2.14 -6.16 -23.73
C VAL B 57 1.29 -7.34 -23.31
N LYS B 58 1.28 -8.39 -24.12
CA LYS B 58 0.66 -9.65 -23.77
C LYS B 58 1.69 -10.73 -23.44
N ASP B 59 2.78 -10.80 -24.20
CA ASP B 59 3.85 -11.78 -23.98
C ASP B 59 5.07 -11.07 -23.42
N LEU B 60 5.71 -11.70 -22.44
CA LEU B 60 6.69 -11.02 -21.61
C LEU B 60 7.84 -11.94 -21.30
N PHE B 61 9.06 -11.46 -21.53
CA PHE B 61 10.28 -12.13 -21.08
C PHE B 61 10.78 -11.47 -19.81
N ILE B 62 11.08 -12.28 -18.79
CA ILE B 62 11.61 -11.78 -17.53
C ILE B 62 12.98 -12.39 -17.31
N ARG B 63 13.97 -11.56 -17.04
CA ARG B 63 15.31 -12.12 -16.82
C ARG B 63 15.37 -12.81 -15.47
N GLY B 64 15.99 -13.99 -15.42
CA GLY B 64 15.94 -14.76 -14.18
C GLY B 64 16.57 -14.02 -13.00
N SER B 65 17.55 -13.17 -13.26
CA SER B 65 18.24 -12.54 -12.14
C SER B 65 17.39 -11.49 -11.43
N VAL B 66 16.28 -11.04 -12.03
CA VAL B 66 15.48 -9.99 -11.43
C VAL B 66 14.26 -10.56 -10.72
N VAL B 67 14.06 -11.87 -10.76
CA VAL B 67 12.99 -12.51 -10.01
C VAL B 67 13.31 -12.53 -8.53
N ARG B 68 12.35 -12.13 -7.70
CA ARG B 68 12.39 -12.43 -6.27
C ARG B 68 11.63 -13.72 -5.98
N TYR B 69 10.36 -13.81 -6.39
CA TYR B 69 9.56 -15.01 -6.16
C TYR B 69 8.84 -15.42 -7.42
N VAL B 70 8.52 -16.71 -7.50
CA VAL B 70 7.42 -17.17 -8.34
C VAL B 70 6.47 -17.94 -7.43
N HIS B 71 5.21 -17.55 -7.46
CA HIS B 71 4.25 -18.31 -6.68
C HIS B 71 3.18 -18.85 -7.60
N MET B 72 2.66 -20.01 -7.20
CA MET B 72 1.93 -20.86 -8.11
C MET B 72 0.96 -21.67 -7.28
N SER B 73 -0.03 -22.25 -7.94
CA SER B 73 -0.97 -23.09 -7.23
C SER B 73 -0.27 -24.36 -6.79
N SER B 74 -0.56 -24.79 -5.56
CA SER B 74 -0.07 -26.07 -5.09
C SER B 74 -0.67 -27.22 -5.90
N ALA B 75 -1.75 -26.98 -6.66
CA ALA B 75 -2.42 -28.07 -7.35
C ALA B 75 -1.51 -28.69 -8.43
N TYR B 76 -0.55 -27.95 -8.96
CA TYR B 76 0.29 -28.50 -10.02
C TYR B 76 1.67 -28.90 -9.52
N VAL B 77 1.88 -28.97 -8.20
CA VAL B 77 3.16 -29.34 -7.61
C VAL B 77 2.94 -30.59 -6.76
N ASP B 78 3.66 -31.67 -7.07
CA ASP B 78 3.72 -32.84 -6.20
C ASP B 78 4.93 -32.69 -5.29
N THR B 79 4.70 -32.36 -4.01
CA THR B 79 5.81 -32.07 -3.11
C THR B 79 6.56 -33.32 -2.66
N ILE B 80 5.91 -34.49 -2.65
CA ILE B 80 6.66 -35.73 -2.44
C ILE B 80 7.64 -35.95 -3.59
N LEU B 81 7.15 -35.84 -4.84
CA LEU B 81 8.09 -36.04 -5.95
C LEU B 81 9.12 -34.93 -6.02
N LEU B 82 8.75 -33.68 -5.68
CA LEU B 82 9.72 -32.60 -5.73
C LEU B 82 10.83 -32.84 -4.72
N ALA B 83 10.47 -33.20 -3.49
CA ALA B 83 11.50 -33.43 -2.49
C ALA B 83 12.40 -34.59 -2.90
N ASP B 84 11.82 -35.69 -3.44
CA ASP B 84 12.65 -36.80 -3.92
C ASP B 84 13.60 -36.35 -5.02
N ALA B 85 13.11 -35.54 -5.96
CA ALA B 85 14.01 -35.03 -6.99
C ALA B 85 15.11 -34.22 -6.38
N CYS B 86 14.79 -33.43 -5.34
CA CYS B 86 15.84 -32.64 -4.68
C CYS B 86 16.91 -33.54 -4.06
N ARG B 87 16.49 -34.58 -3.35
CA ARG B 87 17.48 -35.49 -2.78
C ARG B 87 18.31 -36.15 -3.86
N ARG B 88 17.72 -36.44 -5.02
CA ARG B 88 18.56 -37.08 -6.02
C ARG B 88 19.49 -36.06 -6.65
N ASP B 89 19.12 -34.78 -6.66
CA ASP B 89 20.00 -33.76 -7.22
C ASP B 89 21.19 -33.51 -6.28
N LEU B 90 20.90 -33.44 -4.98
CA LEU B 90 21.96 -33.28 -3.98
C LEU B 90 22.91 -34.46 -4.03
N ALA B 91 22.38 -35.68 -4.12
CA ALA B 91 23.26 -36.84 -4.18
C ALA B 91 24.13 -36.79 -5.44
N ASN B 92 23.52 -36.47 -6.59
CA ASN B 92 24.29 -36.34 -7.82
C ASN B 92 25.39 -35.29 -7.68
N ASN B 93 25.15 -34.24 -6.89
CA ASN B 93 26.15 -33.20 -6.71
C ASN B 93 27.23 -33.56 -5.67
N LYS B 94 27.11 -34.68 -4.97
CA LYS B 94 28.11 -35.07 -3.98
C LYS B 94 29.44 -35.47 -4.64
N GLU C 11 30.31 -28.01 3.18
CA GLU C 11 29.68 -28.52 4.38
C GLU C 11 28.69 -27.58 5.10
N PRO C 12 28.84 -26.24 5.03
CA PRO C 12 27.79 -25.37 5.63
C PRO C 12 26.38 -25.73 5.18
N LEU C 13 26.23 -26.04 3.89
CA LEU C 13 24.91 -26.37 3.35
C LEU C 13 24.31 -27.60 4.00
N ASP C 14 25.11 -28.42 4.68
CA ASP C 14 24.54 -29.58 5.36
C ASP C 14 23.48 -29.15 6.38
N LEU C 15 23.65 -27.98 6.99
CA LEU C 15 22.62 -27.45 7.89
C LEU C 15 21.29 -27.38 7.15
N VAL C 16 21.31 -26.81 5.95
CA VAL C 16 20.04 -26.69 5.25
C VAL C 16 19.55 -28.05 4.80
N ARG C 17 20.45 -29.01 4.60
CA ARG C 17 20.01 -30.37 4.26
C ARG C 17 19.14 -30.94 5.37
N LEU C 18 19.46 -30.60 6.61
CA LEU C 18 18.66 -31.15 7.70
C LEU C 18 17.27 -30.56 7.75
N SER C 19 17.00 -29.49 7.04
CA SER C 19 15.69 -28.86 7.09
C SER C 19 14.76 -29.31 5.97
N LEU C 20 15.20 -30.18 5.08
CA LEU C 20 14.33 -30.62 3.99
C LEU C 20 13.06 -31.23 4.57
N ASP C 21 11.90 -30.76 4.09
CA ASP C 21 10.57 -31.15 4.58
C ASP C 21 10.28 -30.63 5.98
N GLU C 22 11.10 -29.76 6.53
CA GLU C 22 10.80 -29.14 7.81
C GLU C 22 10.47 -27.68 7.60
N ILE C 23 9.79 -27.10 8.57
CA ILE C 23 9.53 -25.68 8.51
C ILE C 23 10.82 -24.92 8.78
N VAL C 24 11.12 -23.95 7.94
CA VAL C 24 12.24 -23.06 8.15
C VAL C 24 11.76 -21.62 8.20
N TYR C 25 12.59 -20.78 8.84
CA TYR C 25 12.53 -19.33 8.79
C TYR C 25 13.63 -18.88 7.82
N VAL C 26 13.28 -17.98 6.90
CA VAL C 26 14.24 -17.46 5.93
C VAL C 26 14.19 -15.94 5.99
N LYS C 27 15.35 -15.31 6.15
CA LYS C 27 15.46 -13.87 6.14
C LYS C 27 16.07 -13.50 4.80
N LEU C 28 15.44 -12.52 4.14
CA LEU C 28 15.74 -12.12 2.78
C LEU C 28 16.18 -10.67 2.80
N ARG C 29 16.94 -10.28 1.78
CA ARG C 29 17.25 -8.88 1.57
C ARG C 29 15.97 -8.09 1.38
N GLY C 30 16.01 -6.82 1.73
CA GLY C 30 14.86 -5.97 1.54
C GLY C 30 13.85 -6.04 2.65
N ASP C 31 14.27 -6.40 3.87
CA ASP C 31 13.37 -6.44 5.02
C ASP C 31 12.16 -7.33 4.78
N ARG C 32 12.43 -8.54 4.31
CA ARG C 32 11.42 -9.57 4.07
C ARG C 32 11.82 -10.83 4.83
N GLU C 33 10.82 -11.55 5.30
CA GLU C 33 11.01 -12.78 6.04
C GLU C 33 9.98 -13.79 5.60
N LEU C 34 10.36 -15.07 5.61
CA LEU C 34 9.50 -16.17 5.21
C LEU C 34 9.48 -17.20 6.30
N ASN C 35 8.32 -17.82 6.50
CA ASN C 35 8.22 -19.05 7.28
C ASN C 35 7.49 -20.04 6.41
N GLY C 36 8.10 -21.19 6.15
CA GLY C 36 7.39 -22.13 5.30
C GLY C 36 8.05 -23.48 5.37
N ARG C 37 7.45 -24.47 4.67
CA ARG C 37 7.98 -25.83 4.69
C ARG C 37 8.91 -26.05 3.50
N LEU C 38 10.17 -26.40 3.76
CA LEU C 38 11.17 -26.51 2.71
C LEU C 38 10.98 -27.82 1.92
N HIS C 39 10.60 -27.72 0.64
CA HIS C 39 10.47 -28.91 -0.17
C HIS C 39 11.62 -29.12 -1.13
N ALA C 40 12.42 -28.11 -1.39
CA ALA C 40 13.54 -28.31 -2.31
C ALA C 40 14.42 -27.10 -2.20
N TYR C 41 15.71 -27.30 -2.46
CA TYR C 41 16.66 -26.19 -2.56
C TYR C 41 17.80 -26.67 -3.43
N ASP C 42 18.63 -25.71 -3.89
CA ASP C 42 19.88 -26.10 -4.54
C ASP C 42 21.05 -25.32 -3.96
N GLU C 43 22.21 -25.43 -4.60
CA GLU C 43 23.43 -24.82 -4.10
C GLU C 43 23.42 -23.30 -4.20
N HIS C 44 22.47 -22.70 -4.90
CA HIS C 44 22.33 -21.25 -4.89
C HIS C 44 21.47 -20.75 -3.75
N LEU C 45 20.85 -21.67 -3.00
CA LEU C 45 19.75 -21.44 -2.06
C LEU C 45 18.47 -20.98 -2.75
N ASN C 46 18.33 -21.22 -4.05
CA ASN C 46 16.99 -21.29 -4.61
C ASN C 46 16.18 -22.25 -3.76
N MET C 47 14.91 -21.96 -3.53
CA MET C 47 14.14 -22.86 -2.66
C MET C 47 12.70 -22.89 -3.15
N VAL C 48 12.00 -23.98 -2.84
CA VAL C 48 10.54 -23.99 -2.91
C VAL C 48 10.00 -24.26 -1.50
N LEU C 49 9.16 -23.37 -1.01
CA LEU C 49 8.53 -23.52 0.29
C LEU C 49 7.05 -23.75 0.06
N GLY C 50 6.47 -24.65 0.86
CA GLY C 50 5.04 -24.86 0.85
C GLY C 50 4.38 -24.17 2.02
N ASP C 51 3.15 -23.71 1.81
CA ASP C 51 2.38 -23.13 2.88
C ASP C 51 3.17 -22.04 3.59
N ALA C 52 3.66 -21.05 2.82
CA ALA C 52 4.59 -20.05 3.32
C ALA C 52 3.87 -18.77 3.72
N GLU C 53 4.37 -18.12 4.77
CA GLU C 53 3.93 -16.79 5.16
C GLU C 53 5.10 -15.86 4.92
N GLU C 54 4.83 -14.73 4.27
CA GLU C 54 5.82 -13.67 4.07
C GLU C 54 5.45 -12.51 4.97
N ILE C 55 6.46 -11.94 5.63
CA ILE C 55 6.33 -10.71 6.40
C ILE C 55 7.22 -9.67 5.75
N VAL C 56 6.62 -8.56 5.35
CA VAL C 56 7.38 -7.46 4.78
C VAL C 56 7.35 -6.30 5.75
N THR C 57 8.51 -5.80 6.12
CA THR C 57 8.59 -4.67 7.03
C THR C 57 8.81 -3.39 6.25
N ILE C 58 7.95 -2.42 6.47
CA ILE C 58 7.98 -1.14 5.77
C ILE C 58 8.41 -0.06 6.75
N PHE C 59 9.40 0.74 6.33
CA PHE C 59 9.92 1.91 7.05
C PHE C 59 9.50 3.17 6.34
N LYS C 68 12.74 2.43 13.39
CA LYS C 68 11.40 2.02 13.78
C LYS C 68 10.52 1.70 12.56
N ALA C 69 9.87 0.55 12.59
CA ALA C 69 9.04 0.12 11.47
C ALA C 69 7.78 0.96 11.36
N LEU C 70 7.34 1.18 10.13
CA LEU C 70 6.07 1.86 9.95
C LEU C 70 4.91 0.88 9.94
N LYS C 71 5.15 -0.32 9.42
CA LYS C 71 4.12 -1.36 9.44
C LYS C 71 4.73 -2.63 8.92
N THR C 72 4.00 -3.74 9.07
CA THR C 72 4.38 -4.99 8.46
C THR C 72 3.17 -5.53 7.72
N ILE C 73 3.45 -6.23 6.64
CA ILE C 73 2.43 -6.77 5.75
C ILE C 73 2.64 -8.26 5.69
N ARG C 74 1.62 -9.04 6.02
CA ARG C 74 1.73 -10.48 5.96
C ARG C 74 0.90 -11.03 4.81
N LYS C 75 1.52 -11.93 4.06
CA LYS C 75 0.87 -12.62 2.96
C LYS C 75 1.11 -14.12 3.08
N HIS C 76 0.15 -14.90 2.61
CA HIS C 76 0.29 -16.36 2.58
C HIS C 76 0.40 -16.84 1.12
N TYR C 77 1.26 -17.82 0.88
CA TYR C 77 1.42 -18.41 -0.43
C TYR C 77 1.34 -19.93 -0.28
N GLU C 78 0.45 -20.59 -1.03
CA GLU C 78 0.38 -22.05 -1.01
C GLU C 78 1.71 -22.67 -1.42
N MET C 79 2.33 -22.16 -2.48
CA MET C 79 3.62 -22.68 -2.95
C MET C 79 4.49 -21.52 -3.42
N LEU C 80 5.79 -21.54 -3.14
CA LEU C 80 6.58 -20.33 -3.38
C LEU C 80 8.01 -20.70 -3.74
N PHE C 81 8.43 -20.37 -4.97
CA PHE C 81 9.84 -20.41 -5.32
C PHE C 81 10.49 -19.10 -4.91
N VAL C 82 11.65 -19.20 -4.25
CA VAL C 82 12.46 -18.07 -3.79
C VAL C 82 13.80 -18.16 -4.48
N ARG C 83 14.19 -17.11 -5.19
CA ARG C 83 15.52 -17.12 -5.80
C ARG C 83 16.61 -16.99 -4.76
N GLY C 84 17.69 -17.77 -4.91
CA GLY C 84 18.61 -17.85 -3.78
C GLY C 84 19.33 -16.55 -3.49
N ASP C 85 19.54 -15.71 -4.50
CA ASP C 85 20.39 -14.56 -4.27
C ASP C 85 19.78 -13.53 -3.33
N SER C 86 18.49 -13.65 -3.00
CA SER C 86 17.84 -12.81 -1.99
C SER C 86 18.05 -13.33 -0.57
N VAL C 87 18.55 -14.55 -0.39
CA VAL C 87 18.56 -15.15 0.94
C VAL C 87 19.72 -14.60 1.75
N ILE C 88 19.44 -14.16 2.97
CA ILE C 88 20.46 -13.80 3.94
C ILE C 88 20.70 -14.95 4.91
N LEU C 89 19.64 -15.47 5.53
CA LEU C 89 19.90 -16.58 6.44
C LEU C 89 18.70 -17.50 6.51
N ILE C 90 18.97 -18.74 6.94
CA ILE C 90 17.99 -19.83 7.06
C ILE C 90 18.15 -20.44 8.45
N ALA C 91 17.04 -20.62 9.17
CA ALA C 91 17.08 -21.04 10.56
C ALA C 91 15.86 -21.88 10.86
N PRO C 92 15.85 -22.60 11.98
CA PRO C 92 14.59 -23.17 12.45
C PRO C 92 13.61 -22.05 12.75
N PRO C 93 12.31 -22.33 12.66
CA PRO C 93 11.32 -21.25 12.90
C PRO C 93 11.23 -20.79 14.35
N MET D 1 21.19 -10.66 -35.24
CA MET D 1 22.51 -10.02 -35.20
C MET D 1 23.04 -10.01 -33.76
N LEU D 2 24.30 -10.42 -33.56
CA LEU D 2 24.74 -10.47 -32.16
C LEU D 2 25.18 -9.07 -31.69
N PRO D 3 24.87 -8.72 -30.43
CA PRO D 3 25.26 -7.40 -29.90
C PRO D 3 26.76 -7.14 -29.98
N LEU D 4 27.59 -8.14 -29.71
CA LEU D 4 29.03 -7.88 -29.80
C LEU D 4 29.46 -7.75 -31.26
N THR D 5 28.75 -8.38 -32.19
CA THR D 5 29.07 -8.12 -33.57
C THR D 5 28.83 -6.65 -33.91
N LEU D 6 27.72 -6.09 -33.45
CA LEU D 6 27.47 -4.67 -33.68
C LEU D 6 28.53 -3.81 -33.00
N LEU D 7 28.88 -4.16 -31.76
CA LEU D 7 29.83 -3.33 -31.02
C LEU D 7 31.18 -3.36 -31.72
N ASN D 8 31.63 -4.54 -32.14
CA ASN D 8 32.88 -4.58 -32.88
C ASN D 8 32.79 -3.79 -34.18
N ALA D 9 31.62 -3.76 -34.82
CA ALA D 9 31.53 -2.99 -36.05
C ALA D 9 31.49 -1.48 -35.80
N THR D 10 31.23 -1.01 -34.59
CA THR D 10 31.33 0.42 -34.39
C THR D 10 32.74 0.89 -34.01
N GLN D 11 33.71 -0.01 -33.96
CA GLN D 11 35.09 0.42 -33.72
C GLN D 11 35.48 1.43 -34.78
N GLY D 12 36.16 2.50 -34.35
CA GLY D 12 36.51 3.55 -35.27
C GLY D 12 35.45 4.60 -35.44
N ARG D 13 34.30 4.46 -34.80
CA ARG D 13 33.19 5.39 -34.97
C ARG D 13 32.81 6.00 -33.64
N PRO D 14 32.08 7.13 -33.66
CA PRO D 14 31.61 7.71 -32.41
C PRO D 14 30.61 6.82 -31.71
N ILE D 15 30.53 6.98 -30.40
CA ILE D 15 29.72 6.13 -29.55
C ILE D 15 29.35 6.92 -28.30
N LEU D 16 28.18 6.63 -27.74
CA LEU D 16 27.80 7.19 -26.45
C LEU D 16 27.61 6.04 -25.46
N VAL D 17 28.21 6.16 -24.29
CA VAL D 17 28.20 5.11 -23.27
C VAL D 17 27.57 5.67 -22.01
N GLU D 18 26.60 4.97 -21.43
CA GLU D 18 26.12 5.37 -20.12
C GLU D 18 26.40 4.25 -19.12
N LEU D 19 27.01 4.62 -18.00
CA LEU D 19 27.43 3.70 -16.94
C LEU D 19 26.39 3.59 -15.86
N LYS D 20 26.50 2.52 -15.04
CA LYS D 20 25.58 2.32 -13.94
C LYS D 20 25.56 3.53 -13.02
N ASN D 21 26.72 4.14 -12.79
CA ASN D 21 26.80 5.28 -11.90
C ASN D 21 26.19 6.55 -12.48
N GLY D 22 25.62 6.50 -13.70
CA GLY D 22 24.97 7.65 -14.30
C GLY D 22 25.85 8.59 -15.13
N GLU D 23 27.16 8.40 -15.15
CA GLU D 23 28.03 9.19 -16.02
C GLU D 23 27.85 8.74 -17.45
N THR D 24 28.02 9.68 -18.38
CA THR D 24 28.01 9.32 -19.79
C THR D 24 29.36 9.67 -20.38
N PHE D 25 29.75 8.93 -21.41
CA PHE D 25 31.00 9.12 -22.11
C PHE D 25 30.70 9.20 -23.59
N ASN D 26 31.14 10.29 -24.24
CA ASN D 26 31.02 10.48 -25.67
C ASN D 26 32.41 10.37 -26.23
N GLY D 27 32.63 9.39 -27.11
CA GLY D 27 33.96 9.37 -27.72
C GLY D 27 34.00 8.44 -28.90
N HIS D 28 35.18 8.31 -29.49
CA HIS D 28 35.39 7.35 -30.55
C HIS D 28 35.78 5.99 -29.97
N LEU D 29 35.12 4.94 -30.43
CA LEU D 29 35.44 3.60 -29.93
C LEU D 29 36.77 3.16 -30.54
N GLU D 30 37.81 3.05 -29.72
CA GLU D 30 39.06 2.52 -30.23
C GLU D 30 39.12 1.00 -30.16
N ASN D 31 38.57 0.39 -29.13
CA ASN D 31 38.66 -1.06 -29.12
C ASN D 31 37.68 -1.58 -28.09
N CYS D 32 37.35 -2.87 -28.20
CA CYS D 32 36.45 -3.50 -27.27
C CYS D 32 36.75 -4.99 -27.25
N ASP D 33 36.31 -5.67 -26.20
CA ASP D 33 36.48 -7.11 -26.14
C ASP D 33 35.14 -7.77 -25.80
N ASN D 34 35.16 -9.09 -25.65
CA ASN D 34 33.92 -9.81 -25.37
C ASN D 34 33.45 -9.62 -23.94
N TYR D 35 34.23 -8.93 -23.10
CA TYR D 35 33.71 -8.52 -21.81
C TYR D 35 32.87 -7.26 -21.93
N MET D 36 32.92 -6.59 -23.08
CA MET D 36 32.37 -5.28 -23.33
C MET D 36 33.24 -4.19 -22.69
N ASN D 37 34.45 -4.53 -22.26
CA ASN D 37 35.40 -3.49 -21.92
C ASN D 37 35.59 -2.61 -23.13
N LEU D 38 35.75 -1.29 -22.91
CA LEU D 38 35.91 -0.34 -24.00
C LEU D 38 37.16 0.50 -23.76
N THR D 39 37.87 0.82 -24.83
CA THR D 39 38.81 1.92 -24.81
C THR D 39 38.31 2.93 -25.82
N LEU D 40 38.15 4.17 -25.35
CA LEU D 40 37.68 5.30 -26.15
C LEU D 40 38.78 6.34 -26.30
N ARG D 41 38.69 7.10 -27.39
CA ARG D 41 39.60 8.17 -27.77
C ARG D 41 38.82 9.48 -27.92
N GLU D 42 39.43 10.61 -27.51
CA GLU D 42 38.84 11.96 -27.57
C GLU D 42 37.44 12.00 -26.95
N VAL D 43 37.39 11.97 -25.63
CA VAL D 43 36.21 11.66 -24.84
C VAL D 43 35.72 12.88 -24.11
N ILE D 44 34.40 12.98 -23.98
CA ILE D 44 33.75 13.88 -23.06
C ILE D 44 33.08 13.01 -22.01
N ARG D 45 33.46 13.22 -20.76
CA ARG D 45 32.86 12.56 -19.61
C ARG D 45 31.86 13.54 -18.99
N THR D 46 30.62 13.10 -18.78
CA THR D 46 29.58 13.93 -18.18
C THR D 46 29.18 13.32 -16.86
N MET D 47 29.24 14.11 -15.78
CA MET D 47 28.88 13.64 -14.45
C MET D 47 27.37 13.43 -14.35
N PRO D 48 26.90 12.65 -13.38
CA PRO D 48 25.48 12.26 -13.35
C PRO D 48 24.47 13.39 -13.40
N ASP D 49 24.70 14.56 -12.79
CA ASP D 49 23.66 15.57 -12.83
C ASP D 49 23.75 16.46 -14.07
N GLY D 50 24.53 16.06 -15.07
CA GLY D 50 24.80 16.93 -16.20
C GLY D 50 25.41 18.25 -15.82
N ASP D 51 26.03 18.33 -14.65
CA ASP D 51 26.53 19.59 -14.09
C ASP D 51 27.90 19.91 -14.68
N LYS D 52 28.82 18.90 -14.68
CA LYS D 52 30.25 19.08 -14.91
C LYS D 52 30.70 18.14 -16.03
N PHE D 53 31.73 18.57 -16.75
CA PHE D 53 32.18 17.89 -17.97
C PHE D 53 33.70 17.83 -18.01
N PHE D 54 34.24 16.72 -18.43
CA PHE D 54 35.69 16.64 -18.58
C PHE D 54 36.04 16.17 -19.99
N ARG D 55 37.15 16.63 -20.49
CA ARG D 55 37.70 16.13 -21.73
C ARG D 55 38.86 15.20 -21.37
N LEU D 56 38.85 14.01 -21.96
CA LEU D 56 39.85 12.99 -21.72
C LEU D 56 40.45 12.62 -23.07
N PRO D 57 41.77 12.64 -23.25
CA PRO D 57 42.32 12.16 -24.54
C PRO D 57 41.92 10.74 -24.87
N GLU D 58 41.79 9.89 -23.85
CA GLU D 58 41.43 8.49 -24.04
C GLU D 58 41.06 7.96 -22.67
N CYS D 59 40.39 6.82 -22.66
CA CYS D 59 40.00 6.21 -21.39
C CYS D 59 39.64 4.76 -21.60
N TYR D 60 39.70 4.02 -20.50
CA TYR D 60 39.35 2.60 -20.46
C TYR D 60 38.15 2.46 -19.53
N ILE D 61 37.15 1.71 -19.98
CA ILE D 61 35.89 1.51 -19.27
C ILE D 61 35.66 0.03 -19.09
N ARG D 62 35.50 -0.41 -17.85
CA ARG D 62 35.15 -1.80 -17.59
C ARG D 62 33.75 -2.10 -18.05
N GLY D 63 33.59 -3.16 -18.83
CA GLY D 63 32.27 -3.47 -19.38
C GLY D 63 31.21 -3.76 -18.34
N ASN D 64 31.59 -4.34 -17.21
CA ASN D 64 30.58 -4.65 -16.20
C ASN D 64 29.86 -3.42 -15.66
N ASN D 65 30.34 -2.21 -15.96
CA ASN D 65 29.69 -1.00 -15.44
C ASN D 65 28.83 -0.31 -16.48
N ILE D 66 28.70 -0.88 -17.66
CA ILE D 66 27.95 -0.23 -18.73
C ILE D 66 26.48 -0.54 -18.55
N LYS D 67 25.63 0.48 -18.68
CA LYS D 67 24.19 0.24 -18.80
C LYS D 67 23.82 0.12 -20.27
N TYR D 68 24.21 1.09 -21.08
CA TYR D 68 23.91 0.92 -22.50
C TYR D 68 24.84 1.75 -23.35
N LEU D 69 24.85 1.43 -24.65
CA LEU D 69 25.61 2.14 -25.67
C LEU D 69 24.67 2.63 -26.75
N ARG D 70 24.97 3.80 -27.31
CA ARG D 70 24.21 4.35 -28.43
C ARG D 70 25.17 4.40 -29.60
N ILE D 71 24.69 3.93 -30.75
CA ILE D 71 25.49 3.64 -31.93
C ILE D 71 24.75 4.22 -33.12
N GLN D 72 25.52 4.71 -34.10
CA GLN D 72 24.93 5.34 -35.27
C GLN D 72 24.12 4.36 -36.09
N ASP D 73 23.07 4.87 -36.75
CA ASP D 73 22.22 4.02 -37.54
C ASP D 73 22.98 3.36 -38.68
N GLU D 74 23.99 4.06 -39.21
CA GLU D 74 24.71 3.54 -40.38
C GLU D 74 25.53 2.31 -40.01
N VAL D 75 25.99 2.21 -38.75
CA VAL D 75 26.70 1.00 -38.34
C VAL D 75 25.78 -0.21 -38.43
N LEU D 76 24.57 -0.08 -37.87
CA LEU D 76 23.63 -1.19 -37.94
C LEU D 76 23.33 -1.53 -39.38
N SER D 77 23.14 -0.50 -40.21
CA SER D 77 22.90 -0.70 -41.63
C SER D 77 24.06 -1.44 -42.28
N GLN D 78 25.30 -1.05 -41.96
CA GLN D 78 26.46 -1.69 -42.57
C GLN D 78 26.52 -3.16 -42.22
N VAL D 79 26.30 -3.47 -40.94
CA VAL D 79 26.39 -4.87 -40.53
C VAL D 79 25.30 -5.71 -41.20
N ALA D 80 24.07 -5.19 -41.24
CA ALA D 80 23.00 -5.94 -41.89
C ALA D 80 23.32 -6.17 -43.37
N LYS D 81 23.84 -5.14 -44.05
CA LYS D 81 24.16 -5.32 -45.48
C LYS D 81 25.24 -6.38 -45.66
N GLN D 82 26.26 -6.37 -44.80
CA GLN D 82 27.33 -7.34 -44.95
C GLN D 82 26.85 -8.75 -44.66
N GLN D 83 25.99 -8.92 -43.65
CA GLN D 83 25.51 -10.26 -43.33
C GLN D 83 24.55 -10.77 -44.40
N ALA D 84 23.75 -9.89 -44.98
CA ALA D 84 22.84 -10.33 -46.03
C ALA D 84 23.55 -10.60 -47.36
N GLN D 85 24.72 -10.01 -47.59
CA GLN D 85 25.51 -10.44 -48.73
C GLN D 85 26.32 -11.69 -48.41
N GLN D 86 26.79 -11.86 -47.17
CA GLN D 86 27.51 -13.08 -46.82
C GLN D 86 26.62 -14.31 -46.96
N ARG D 87 25.30 -14.14 -46.77
CA ARG D 87 24.34 -15.21 -47.02
C ARG D 87 24.43 -15.69 -48.47
N GLU D 88 24.74 -14.79 -49.39
CA GLU D 88 24.96 -15.13 -50.78
C GLU D 88 26.39 -14.86 -51.20
N THR E 4 58.47 -3.23 -14.34
CA THR E 4 57.20 -3.03 -13.67
C THR E 4 57.17 -3.77 -12.33
N ILE E 5 56.00 -3.82 -11.71
CA ILE E 5 55.80 -4.42 -10.40
C ILE E 5 54.46 -5.18 -10.42
N LEU E 6 54.39 -6.28 -9.67
CA LEU E 6 53.21 -7.09 -9.69
C LEU E 6 52.42 -6.89 -8.40
N PRO E 7 51.16 -6.44 -8.48
CA PRO E 7 50.37 -6.18 -7.26
C PRO E 7 50.38 -7.30 -6.24
N LEU E 8 50.10 -8.53 -6.67
CA LEU E 8 50.00 -9.62 -5.71
C LEU E 8 51.37 -10.00 -5.16
N GLU E 9 52.44 -9.74 -5.89
CA GLU E 9 53.75 -10.00 -5.32
C GLU E 9 54.03 -8.97 -4.22
N LEU E 10 53.60 -7.74 -4.44
CA LEU E 10 53.77 -6.72 -3.40
C LEU E 10 52.96 -7.09 -2.16
N ILE E 11 51.73 -7.55 -2.37
CA ILE E 11 50.89 -7.92 -1.23
C ILE E 11 51.53 -9.11 -0.51
N ASP E 12 52.04 -10.07 -1.28
CA ASP E 12 52.71 -11.21 -0.66
C ASP E 12 53.89 -10.76 0.17
N LYS E 13 54.63 -9.77 -0.32
CA LYS E 13 55.68 -9.15 0.47
C LYS E 13 55.14 -8.56 1.76
N CYS E 14 53.85 -8.21 1.81
CA CYS E 14 53.34 -7.55 3.01
C CYS E 14 52.97 -8.49 4.14
N ILE E 15 53.06 -9.82 3.92
CA ILE E 15 52.66 -10.76 4.96
C ILE E 15 53.51 -10.53 6.21
N GLY E 16 52.87 -10.49 7.36
CA GLY E 16 53.57 -10.19 8.59
C GLY E 16 53.72 -8.72 8.88
N SER E 17 53.49 -7.87 7.90
CA SER E 17 53.59 -6.43 8.08
C SER E 17 52.19 -5.83 8.19
N ASN E 18 52.13 -4.56 8.57
CA ASN E 18 50.86 -3.85 8.69
C ASN E 18 50.29 -3.47 7.33
N LEU E 19 48.99 -3.72 7.17
CA LEU E 19 48.27 -3.46 5.93
C LEU E 19 47.06 -2.61 6.26
N TRP E 20 46.76 -1.67 5.36
CA TRP E 20 45.60 -0.82 5.47
C TRP E 20 44.68 -1.15 4.31
N VAL E 21 43.42 -1.45 4.60
CA VAL E 21 42.49 -1.89 3.57
C VAL E 21 41.34 -0.91 3.50
N ILE E 22 41.00 -0.51 2.29
CA ILE E 22 39.96 0.47 2.02
C ILE E 22 38.90 -0.22 1.19
N MET E 23 37.67 -0.23 1.70
CA MET E 23 36.57 -0.92 1.03
C MET E 23 35.95 0.02 0.01
N LYS E 24 35.12 -0.53 -0.87
CA LYS E 24 34.39 0.37 -1.77
C LYS E 24 33.44 1.23 -0.97
N SER E 25 32.81 0.64 0.04
CA SER E 25 32.01 1.37 1.00
C SER E 25 32.92 2.20 1.90
N GLU E 26 32.30 3.02 2.75
CA GLU E 26 33.06 3.89 3.64
C GLU E 26 33.48 3.13 4.90
N ARG E 27 34.33 2.12 4.71
CA ARG E 27 34.85 1.32 5.81
C ARG E 27 36.30 1.02 5.51
N GLU E 28 37.11 1.01 6.55
CA GLU E 28 38.50 0.64 6.42
C GLU E 28 38.90 -0.29 7.55
N PHE E 29 39.93 -1.08 7.30
CA PHE E 29 40.50 -1.97 8.31
C PHE E 29 42.00 -1.75 8.29
N ALA E 30 42.64 -1.78 9.45
CA ALA E 30 44.10 -1.67 9.51
C ALA E 30 44.58 -2.73 10.48
N GLY E 31 45.48 -3.59 10.03
CA GLY E 31 45.92 -4.65 10.91
C GLY E 31 47.18 -5.30 10.38
N THR E 32 47.55 -6.41 11.01
CA THR E 32 48.76 -7.11 10.62
C THR E 32 48.33 -8.19 9.64
N LEU E 33 48.89 -8.17 8.44
CA LEU E 33 48.45 -9.13 7.44
C LEU E 33 48.97 -10.51 7.79
N VAL E 34 48.06 -11.47 7.89
CA VAL E 34 48.40 -12.84 8.20
C VAL E 34 48.44 -13.67 6.92
N GLY E 35 47.51 -13.44 6.01
CA GLY E 35 47.50 -14.27 4.82
C GLY E 35 46.26 -14.01 4.00
N PHE E 36 46.21 -14.65 2.84
CA PHE E 36 45.08 -14.45 1.95
C PHE E 36 44.99 -15.56 0.93
N ASN E 41 40.11 -13.12 -0.28
CA ASN E 41 39.79 -13.13 1.16
C ASN E 41 41.06 -13.09 2.01
N ILE E 42 41.16 -12.13 2.93
CA ILE E 42 42.37 -12.00 3.73
C ILE E 42 42.13 -12.24 5.21
N VAL E 43 43.16 -12.73 5.89
CA VAL E 43 43.19 -12.87 7.34
C VAL E 43 44.11 -11.79 7.88
N LEU E 44 43.56 -10.98 8.81
CA LEU E 44 44.26 -9.91 9.51
C LEU E 44 44.27 -10.19 11.00
N LYS E 45 45.35 -9.81 11.67
CA LYS E 45 45.51 -9.91 13.11
C LYS E 45 45.65 -8.50 13.72
N ASP E 46 45.17 -8.35 14.96
CA ASP E 46 45.26 -7.10 15.71
C ASP E 46 44.77 -5.92 14.85
N VAL E 47 43.49 -6.00 14.54
CA VAL E 47 42.86 -5.15 13.54
C VAL E 47 42.05 -4.04 14.19
N THR E 48 42.10 -2.86 13.59
CA THR E 48 41.19 -1.76 13.89
C THR E 48 40.26 -1.55 12.69
N GLU E 49 38.94 -1.62 12.92
CA GLU E 49 37.90 -1.33 11.94
C GLU E 49 37.40 0.10 12.11
N TYR E 50 37.37 0.85 11.02
CA TYR E 50 36.96 2.26 11.01
C TYR E 50 35.73 2.42 10.13
N ASP E 51 34.63 2.88 10.72
CA ASP E 51 33.50 3.37 9.93
C ASP E 51 33.80 4.83 9.60
N THR E 52 34.12 5.14 8.34
CA THR E 52 34.58 6.49 8.03
C THR E 52 33.46 7.52 7.94
N VAL E 53 32.19 7.10 7.92
CA VAL E 53 31.13 8.10 8.01
C VAL E 53 30.82 8.38 9.47
N THR E 54 30.31 7.38 10.22
CA THR E 54 29.96 7.64 11.63
C THR E 54 31.16 7.88 12.53
N GLY E 55 32.37 7.53 12.09
CA GLY E 55 33.55 7.70 12.91
C GLY E 55 33.77 6.62 13.95
N VAL E 56 32.86 5.64 14.04
CA VAL E 56 32.99 4.60 15.06
C VAL E 56 34.14 3.67 14.73
N THR E 57 34.95 3.36 15.73
CA THR E 57 36.10 2.48 15.59
C THR E 57 35.87 1.25 16.47
N GLU E 58 36.32 0.08 16.03
CA GLU E 58 36.21 -1.15 16.79
C GLU E 58 37.46 -1.99 16.62
N LYS E 59 37.82 -2.73 17.66
CA LYS E 59 39.01 -3.57 17.64
C LYS E 59 38.64 -5.04 17.47
N HIS E 60 39.56 -5.79 16.87
CA HIS E 60 39.40 -7.23 16.65
C HIS E 60 40.74 -7.91 16.88
N SER E 61 40.72 -9.05 17.56
CA SER E 61 41.98 -9.76 17.74
C SER E 61 42.44 -10.42 16.44
N GLU E 62 41.53 -11.04 15.70
CA GLU E 62 41.89 -11.68 14.45
C GLU E 62 40.61 -11.91 13.64
N MET E 63 40.68 -11.68 12.33
CA MET E 63 39.47 -11.80 11.54
C MET E 63 39.76 -12.21 10.09
N LEU E 64 38.79 -12.94 9.52
CA LEU E 64 38.73 -13.25 8.10
C LEU E 64 37.88 -12.20 7.40
N LEU E 65 38.51 -11.41 6.54
CA LEU E 65 37.89 -10.32 5.79
C LEU E 65 37.53 -10.78 4.39
N ASN E 66 36.23 -10.74 4.09
CA ASN E 66 35.78 -11.14 2.76
C ASN E 66 36.41 -10.21 1.73
N GLY E 67 36.99 -10.78 0.68
CA GLY E 67 37.69 -9.94 -0.28
C GLY E 67 36.83 -9.20 -1.28
N ASN E 68 35.56 -9.57 -1.44
CA ASN E 68 34.74 -9.00 -2.50
C ASN E 68 34.58 -7.49 -2.40
N GLY E 69 34.53 -6.94 -1.20
CA GLY E 69 34.32 -5.52 -1.07
C GLY E 69 35.56 -4.68 -0.90
N MET E 70 36.77 -5.23 -1.04
CA MET E 70 37.96 -4.42 -0.85
C MET E 70 38.30 -3.70 -2.15
N CYS E 71 38.63 -2.42 -2.00
CA CYS E 71 39.02 -1.49 -3.03
C CYS E 71 40.53 -1.39 -3.18
N MET E 72 41.22 -1.14 -2.08
CA MET E 72 42.63 -0.83 -2.14
C MET E 72 43.31 -1.49 -0.96
N LEU E 73 44.53 -1.98 -1.20
CA LEU E 73 45.37 -2.49 -0.14
C LEU E 73 46.62 -1.61 -0.14
N ILE E 74 46.98 -1.12 1.04
CA ILE E 74 48.08 -0.16 1.20
C ILE E 74 49.07 -0.66 2.23
N PRO E 75 50.27 -1.06 1.82
CA PRO E 75 51.37 -1.38 2.75
C PRO E 75 51.66 -0.21 3.70
N ASN F 8 45.81 -20.45 6.04
CA ASN F 8 44.44 -20.40 6.56
C ASN F 8 44.30 -21.16 7.87
N GLU F 9 45.38 -21.16 8.67
CA GLU F 9 45.31 -21.68 10.04
C GLU F 9 44.29 -20.94 10.90
N PHE F 10 43.70 -19.87 10.39
CA PHE F 10 42.57 -19.21 11.03
C PHE F 10 41.42 -20.17 11.31
N LEU F 11 41.08 -20.99 10.32
CA LEU F 11 39.94 -21.90 10.42
C LEU F 11 40.04 -22.77 11.67
N ASN F 12 41.09 -23.60 11.75
CA ASN F 12 41.26 -24.44 12.93
C ASN F 12 41.15 -23.63 14.20
N LYS F 13 41.76 -22.44 14.22
CA LYS F 13 41.72 -21.60 15.41
C LYS F 13 40.32 -21.13 15.75
N VAL F 14 39.37 -21.23 14.81
CA VAL F 14 38.08 -20.55 14.94
C VAL F 14 36.90 -21.54 14.89
N ILE F 15 37.00 -22.60 14.09
CA ILE F 15 35.89 -23.56 14.03
C ILE F 15 35.68 -24.16 15.41
N GLY F 16 34.44 -24.06 15.89
CA GLY F 16 34.08 -24.58 17.18
C GLY F 16 34.12 -23.58 18.31
N LYS F 17 34.50 -22.34 18.04
CA LYS F 17 34.53 -21.31 19.07
C LYS F 17 33.57 -20.19 18.70
N LYS F 18 33.28 -19.33 19.67
CA LYS F 18 32.40 -18.21 19.46
C LYS F 18 33.03 -17.20 18.51
N VAL F 19 32.22 -16.71 17.57
CA VAL F 19 32.66 -15.76 16.58
C VAL F 19 31.62 -14.65 16.46
N LEU F 20 32.09 -13.51 15.95
CA LEU F 20 31.27 -12.39 15.53
C LEU F 20 31.30 -12.33 14.01
N ILE F 21 30.11 -12.32 13.40
CA ILE F 21 29.93 -12.22 11.96
C ILE F 21 29.34 -10.85 11.70
N ARG F 22 30.01 -10.04 10.90
CA ARG F 22 29.41 -8.78 10.49
C ARG F 22 29.02 -8.91 9.04
N LEU F 23 27.74 -8.65 8.73
CA LEU F 23 27.31 -8.55 7.35
C LEU F 23 27.57 -7.15 6.81
N SER F 24 27.70 -7.05 5.48
CA SER F 24 27.93 -5.76 4.85
C SER F 24 26.86 -4.76 5.25
N SER F 25 25.64 -5.25 5.44
CA SER F 25 24.54 -4.40 5.89
C SER F 25 24.81 -3.80 7.26
N GLY F 26 25.72 -4.37 8.03
CA GLY F 26 26.01 -3.86 9.36
C GLY F 26 25.40 -4.66 10.49
N VAL F 27 24.55 -5.64 10.19
CA VAL F 27 23.95 -6.51 11.20
C VAL F 27 24.98 -7.51 11.68
N ASP F 28 25.01 -7.76 12.98
CA ASP F 28 26.00 -8.66 13.56
C ASP F 28 25.34 -9.93 14.05
N TYR F 29 26.07 -11.04 13.94
CA TYR F 29 25.63 -12.31 14.49
C TYR F 29 26.74 -12.88 15.34
N LYS F 30 26.43 -13.32 16.55
CA LYS F 30 27.43 -13.94 17.40
C LYS F 30 27.00 -15.36 17.69
N GLY F 31 27.92 -16.29 17.50
CA GLY F 31 27.59 -17.68 17.83
C GLY F 31 28.77 -18.60 17.57
N ILE F 32 28.59 -19.85 17.98
CA ILE F 32 29.61 -20.86 17.73
C ILE F 32 29.61 -21.22 16.26
N LEU F 33 30.78 -21.15 15.64
CA LEU F 33 30.93 -21.45 14.22
C LEU F 33 30.97 -22.96 14.02
N SER F 34 29.92 -23.51 13.40
CA SER F 34 29.97 -24.93 13.02
C SER F 34 30.86 -25.11 11.80
N CYS F 35 30.68 -24.27 10.80
CA CYS F 35 31.31 -24.61 9.54
C CYS F 35 31.44 -23.38 8.67
N LEU F 36 32.43 -23.43 7.76
CA LEU F 36 32.73 -22.33 6.85
C LEU F 36 33.17 -22.91 5.51
N ASP F 37 32.99 -22.15 4.44
CA ASP F 37 33.44 -22.61 3.11
C ASP F 37 34.08 -21.46 2.34
N GLY F 38 34.48 -21.74 1.10
CA GLY F 38 35.21 -20.75 0.30
C GLY F 38 34.43 -19.49 -0.02
N TYR F 39 33.13 -19.59 -0.20
CA TYR F 39 32.35 -18.39 -0.44
C TYR F 39 31.96 -17.71 0.85
N MET F 40 32.50 -18.19 1.98
CA MET F 40 32.17 -17.70 3.30
C MET F 40 30.71 -17.94 3.69
N ASN F 41 30.07 -18.95 3.11
CA ASN F 41 28.84 -19.45 3.71
C ASN F 41 29.16 -20.00 5.11
N LEU F 42 28.31 -19.70 6.09
CA LEU F 42 28.55 -20.08 7.47
C LEU F 42 27.44 -20.95 7.99
N ALA F 43 27.79 -21.85 8.89
CA ALA F 43 26.83 -22.46 9.79
C ALA F 43 27.25 -22.17 11.22
N LEU F 44 26.32 -21.62 12.01
CA LEU F 44 26.46 -21.24 13.41
C LEU F 44 25.51 -22.08 14.25
N GLU F 45 25.81 -22.16 15.56
CA GLU F 45 25.15 -23.10 16.45
C GLU F 45 24.13 -22.52 17.42
N ARG F 46 24.21 -21.25 17.74
CA ARG F 46 23.20 -20.62 18.60
C ARG F 46 23.45 -19.15 18.43
N THR F 47 22.83 -18.62 17.40
CA THR F 47 23.15 -17.30 16.93
C THR F 47 22.31 -16.25 17.61
N GLU F 48 22.96 -15.16 17.98
CA GLU F 48 22.25 -13.97 18.45
C GLU F 48 22.48 -12.89 17.41
N GLU F 49 21.42 -12.19 17.05
CA GLU F 49 21.46 -11.17 16.03
C GLU F 49 21.42 -9.80 16.69
N TYR F 50 22.23 -8.86 16.20
CA TYR F 50 22.31 -7.54 16.81
C TYR F 50 22.17 -6.49 15.72
N VAL F 51 21.20 -5.59 15.88
CA VAL F 51 20.97 -4.48 14.97
C VAL F 51 21.05 -3.17 15.72
N ASN F 52 21.77 -2.19 15.15
CA ASN F 52 22.19 -1.00 15.91
C ASN F 52 22.86 -1.38 17.23
N GLY F 53 23.45 -2.56 17.30
CA GLY F 53 24.17 -3.01 18.47
C GLY F 53 23.31 -3.72 19.50
N LYS F 54 21.99 -3.77 19.28
CA LYS F 54 21.03 -4.29 20.25
C LYS F 54 20.73 -5.74 19.86
N LYS F 55 20.60 -6.63 20.85
CA LYS F 55 20.13 -7.98 20.53
C LYS F 55 18.69 -7.94 20.06
N THR F 56 18.45 -8.41 18.84
CA THR F 56 17.16 -8.38 18.17
C THR F 56 16.52 -9.74 17.99
N ASN F 57 17.32 -10.80 17.82
CA ASN F 57 16.77 -12.13 17.62
C ASN F 57 17.77 -13.19 18.07
N VAL F 58 17.22 -14.36 18.41
CA VAL F 58 18.03 -15.54 18.74
C VAL F 58 17.58 -16.72 17.88
N TYR F 59 18.52 -17.32 17.17
CA TYR F 59 18.25 -18.47 16.31
C TYR F 59 18.95 -19.68 16.91
N GLY F 60 18.29 -20.84 16.86
CA GLY F 60 18.90 -22.02 17.44
C GLY F 60 20.02 -22.63 16.61
N ASP F 61 20.03 -22.37 15.30
CA ASP F 61 21.04 -22.77 14.33
C ASP F 61 20.92 -21.77 13.21
N ALA F 62 22.02 -21.47 12.53
CA ALA F 62 21.82 -20.58 11.40
C ALA F 62 22.77 -20.90 10.25
N PHE F 63 22.23 -20.89 9.04
CA PHE F 63 23.02 -20.85 7.82
C PHE F 63 22.98 -19.41 7.33
N ILE F 64 24.15 -18.82 7.14
CA ILE F 64 24.26 -17.48 6.59
C ILE F 64 24.92 -17.55 5.22
N ARG F 65 24.30 -16.89 4.23
CA ARG F 65 24.80 -16.92 2.87
C ARG F 65 26.00 -15.98 2.73
N GLY F 66 27.07 -16.50 2.14
CA GLY F 66 28.37 -15.85 2.26
C GLY F 66 28.48 -14.53 1.53
N ASN F 67 27.68 -14.30 0.48
CA ASN F 67 27.79 -13.04 -0.25
C ASN F 67 27.49 -11.85 0.65
N ASN F 68 26.75 -12.06 1.76
CA ASN F 68 26.39 -10.99 2.67
C ASN F 68 27.44 -10.74 3.73
N VAL F 69 28.37 -11.68 3.92
CA VAL F 69 29.31 -11.62 5.04
C VAL F 69 30.41 -10.62 4.74
N LEU F 70 30.58 -9.64 5.63
CA LEU F 70 31.73 -8.73 5.54
C LEU F 70 32.94 -9.33 6.24
N TYR F 71 32.77 -9.84 7.45
CA TYR F 71 33.90 -10.54 8.06
C TYR F 71 33.43 -11.52 9.14
N VAL F 72 34.36 -12.43 9.49
CA VAL F 72 34.27 -13.32 10.64
C VAL F 72 35.43 -12.96 11.58
N SER F 73 35.12 -12.57 12.81
CA SER F 73 36.16 -12.20 13.77
C SER F 73 36.02 -13.05 15.03
N ALA F 74 37.16 -13.51 15.53
CA ALA F 74 37.20 -14.43 16.66
C ALA F 74 36.97 -13.68 17.96
N LEU F 75 36.36 -14.37 18.93
CA LEU F 75 36.05 -13.78 20.23
C LEU F 75 36.75 -14.48 21.40
N SER G 24 44.45 -8.35 -23.20
CA SER G 24 43.93 -7.15 -22.54
C SER G 24 43.93 -5.94 -23.51
N ILE G 25 42.77 -5.31 -23.72
CA ILE G 25 42.70 -4.21 -24.70
C ILE G 25 43.36 -2.95 -24.13
N LEU G 26 43.86 -3.00 -22.91
CA LEU G 26 44.68 -1.91 -22.38
C LEU G 26 45.96 -2.43 -21.74
N TYR G 31 50.87 3.38 -20.20
CA TYR G 31 50.65 4.25 -19.03
C TYR G 31 51.74 4.11 -17.97
N GLN G 32 52.72 3.24 -18.19
CA GLN G 32 53.69 2.95 -17.14
C GLN G 32 54.47 4.20 -16.76
N ASP G 33 54.57 4.44 -15.46
CA ASP G 33 55.21 5.62 -14.89
C ASP G 33 54.52 6.93 -15.25
N GLN G 34 53.35 6.85 -15.86
CA GLN G 34 52.54 8.03 -16.12
C GLN G 34 51.47 8.15 -15.04
N ARG G 35 51.03 9.37 -14.80
CA ARG G 35 50.00 9.60 -13.80
C ARG G 35 48.64 9.36 -14.43
N ILE G 36 47.84 8.55 -13.77
CA ILE G 36 46.52 8.18 -14.25
C ILE G 36 45.51 8.51 -13.17
N GLN G 37 44.25 8.58 -13.59
CA GLN G 37 43.11 8.68 -12.70
C GLN G 37 42.27 7.43 -12.84
N ALA G 38 41.67 7.03 -11.71
CA ALA G 38 40.90 5.82 -11.63
C ALA G 38 39.64 6.07 -10.83
N THR G 39 38.59 5.39 -11.21
CA THR G 39 37.29 5.50 -10.58
C THR G 39 36.84 4.08 -10.26
N PHE G 40 36.25 3.92 -9.07
CA PHE G 40 35.87 2.65 -8.48
C PHE G 40 34.36 2.53 -8.37
N THR G 41 33.86 1.31 -8.44
CA THR G 41 32.45 1.16 -8.13
C THR G 41 32.24 1.53 -6.66
N GLY G 42 31.21 2.33 -6.41
CA GLY G 42 30.97 2.96 -5.12
C GLY G 42 31.33 4.43 -5.10
N GLY G 43 32.06 4.91 -6.12
CA GLY G 43 32.31 6.33 -6.29
C GLY G 43 33.73 6.78 -6.03
N ARG G 44 34.53 6.05 -5.25
CA ARG G 44 35.88 6.53 -4.94
C ARG G 44 36.63 6.84 -6.21
N GLN G 45 37.43 7.89 -6.15
CA GLN G 45 38.12 8.44 -7.30
C GLN G 45 39.53 8.78 -6.83
N ILE G 46 40.56 8.30 -7.54
CA ILE G 46 41.94 8.50 -7.12
C ILE G 46 42.79 8.88 -8.32
N THR G 47 43.95 9.46 -8.05
CA THR G 47 45.00 9.58 -9.04
C THR G 47 46.29 9.02 -8.47
N GLY G 48 47.22 8.70 -9.37
CA GLY G 48 48.51 8.19 -8.93
C GLY G 48 49.34 7.75 -10.12
N ILE G 49 50.63 7.52 -9.86
CA ILE G 49 51.55 7.12 -10.91
C ILE G 49 51.53 5.60 -11.03
N LEU G 50 51.16 5.12 -12.22
CA LEU G 50 51.11 3.69 -12.51
C LEU G 50 52.51 3.11 -12.46
N LYS G 51 52.77 2.27 -11.47
CA LYS G 51 54.07 1.62 -11.35
C LYS G 51 54.02 0.12 -11.63
N GLY G 52 52.84 -0.48 -11.66
CA GLY G 52 52.76 -1.85 -12.13
C GLY G 52 51.31 -2.28 -12.33
N PHE G 53 51.14 -3.48 -12.90
CA PHE G 53 49.81 -4.03 -13.14
C PHE G 53 49.93 -5.53 -13.40
N ASP G 54 48.78 -6.22 -13.34
CA ASP G 54 48.73 -7.60 -13.80
C ASP G 54 47.56 -7.81 -14.76
N GLN G 55 47.31 -9.07 -15.14
CA GLN G 55 46.37 -9.32 -16.22
C GLN G 55 44.91 -9.22 -15.76
N LEU G 56 44.64 -9.49 -14.48
CA LEU G 56 43.33 -9.20 -13.91
C LEU G 56 43.10 -7.71 -13.70
N MET G 57 44.08 -6.88 -14.06
CA MET G 57 43.98 -5.43 -13.96
C MET G 57 44.07 -4.92 -12.53
N ASN G 58 44.63 -5.71 -11.63
CA ASN G 58 45.11 -5.11 -10.39
C ASN G 58 46.18 -4.10 -10.73
N LEU G 59 46.26 -3.05 -9.94
CA LEU G 59 47.21 -1.99 -10.23
C LEU G 59 48.10 -1.79 -9.03
N VAL G 60 49.33 -1.36 -9.30
CA VAL G 60 50.20 -0.79 -8.29
C VAL G 60 50.39 0.66 -8.70
N LEU G 61 49.90 1.57 -7.86
CA LEU G 61 49.99 3.01 -8.08
C LEU G 61 50.80 3.62 -6.95
N ASP G 62 51.64 4.57 -7.27
CA ASP G 62 52.43 5.28 -6.28
C ASP G 62 51.98 6.73 -6.21
N ASP G 63 52.31 7.38 -5.08
CA ASP G 63 51.96 8.77 -4.83
C ASP G 63 50.46 9.01 -5.03
N VAL G 64 49.66 8.08 -4.52
CA VAL G 64 48.22 8.12 -4.75
C VAL G 64 47.59 9.24 -3.93
N GLU G 65 46.61 9.90 -4.53
CA GLU G 65 45.78 10.85 -3.83
C GLU G 65 44.32 10.50 -4.11
N GLU G 66 43.53 10.36 -3.05
CA GLU G 66 42.10 10.13 -3.18
C GLU G 66 41.36 11.46 -3.14
N GLN G 67 40.51 11.69 -4.14
CA GLN G 67 39.65 12.87 -4.17
C GLN G 67 38.40 12.59 -3.34
N LEU G 68 38.24 13.35 -2.25
CA LEU G 68 37.21 13.11 -1.26
C LEU G 68 35.85 13.63 -1.75
N ARG G 69 34.79 13.11 -1.13
CA ARG G 69 33.42 13.52 -1.47
C ARG G 69 32.65 14.01 -0.23
N ALA G 79 38.96 18.74 -2.51
CA ALA G 79 39.60 18.20 -1.31
C ALA G 79 40.20 16.79 -1.55
N ILE G 80 41.33 16.49 -0.90
CA ILE G 80 42.04 15.23 -1.10
C ILE G 80 42.62 14.66 0.20
N ARG G 81 42.92 13.36 0.17
CA ARG G 81 43.80 12.73 1.16
C ARG G 81 44.87 11.93 0.40
N LYS G 82 46.04 11.77 1.00
CA LYS G 82 47.16 11.10 0.34
C LYS G 82 47.35 9.68 0.84
N LEU G 83 47.34 8.71 -0.07
CA LEU G 83 47.43 7.30 0.28
C LEU G 83 48.79 6.68 0.01
N GLY G 84 49.70 7.38 -0.66
CA GLY G 84 51.01 6.79 -0.86
C GLY G 84 50.99 5.70 -1.91
N LEU G 85 51.63 4.58 -1.59
CA LEU G 85 51.79 3.44 -2.48
C LEU G 85 50.62 2.49 -2.22
N VAL G 86 49.82 2.24 -3.27
CA VAL G 86 48.59 1.46 -3.15
C VAL G 86 48.54 0.32 -4.15
N VAL G 87 47.92 -0.78 -3.74
CA VAL G 87 47.47 -1.84 -4.64
C VAL G 87 45.97 -1.66 -4.82
N VAL G 88 45.52 -1.49 -6.06
CA VAL G 88 44.08 -1.43 -6.32
C VAL G 88 43.64 -2.76 -6.89
N ARG G 89 42.46 -3.24 -6.47
CA ARG G 89 41.91 -4.49 -6.95
C ARG G 89 41.14 -4.24 -8.24
N GLY G 90 41.56 -4.90 -9.32
CA GLY G 90 40.98 -4.64 -10.63
C GLY G 90 39.47 -4.85 -10.71
N THR G 91 38.93 -5.74 -9.88
CA THR G 91 37.50 -6.04 -9.98
C THR G 91 36.64 -4.83 -9.62
N THR G 92 37.19 -3.85 -8.92
CA THR G 92 36.42 -2.68 -8.49
C THR G 92 36.61 -1.48 -9.41
N LEU G 93 37.48 -1.58 -10.41
CA LEU G 93 37.70 -0.48 -11.33
C LEU G 93 36.47 -0.27 -12.22
N VAL G 94 36.08 0.98 -12.42
CA VAL G 94 35.19 1.31 -13.52
C VAL G 94 35.93 2.09 -14.60
N LEU G 95 36.83 3.00 -14.22
CA LEU G 95 37.39 3.85 -15.26
C LEU G 95 38.88 4.08 -15.01
N ILE G 96 39.67 4.05 -16.09
CA ILE G 96 41.08 4.41 -16.07
C ILE G 96 41.36 5.41 -17.18
N ALA G 97 41.94 6.54 -16.83
CA ALA G 97 42.30 7.51 -17.87
C ALA G 97 43.63 8.16 -17.52
N PRO G 98 44.41 8.60 -18.50
CA PRO G 98 45.62 9.35 -18.17
C PRO G 98 45.24 10.76 -17.73
N MET G 99 46.06 11.31 -16.83
CA MET G 99 45.84 12.69 -16.38
C MET G 99 46.33 13.74 -17.37
N ASP G 100 47.32 13.42 -18.18
CA ASP G 100 47.89 14.42 -19.07
C ASP G 100 46.92 14.66 -20.22
N GLY G 101 46.50 15.91 -20.38
CA GLY G 101 45.51 16.25 -21.39
C GLY G 101 44.09 16.14 -20.92
N SER G 102 43.86 15.68 -19.70
CA SER G 102 42.53 15.66 -19.11
C SER G 102 42.27 17.01 -18.45
N GLU G 103 41.10 17.58 -18.71
CA GLU G 103 40.77 18.88 -18.14
C GLU G 103 39.26 18.98 -17.99
N GLU G 104 38.83 19.78 -17.01
CA GLU G 104 37.42 20.17 -16.93
C GLU G 104 37.11 21.16 -18.05
N ILE G 105 35.95 21.01 -18.68
CA ILE G 105 35.53 21.91 -19.76
C ILE G 105 34.13 22.42 -19.44
N PRO G 106 33.75 23.56 -20.01
CA PRO G 106 32.36 23.98 -19.91
C PRO G 106 31.51 23.11 -20.81
N ASN G 107 30.19 23.17 -20.59
CA ASN G 107 29.27 22.29 -21.30
C ASN G 107 29.51 22.37 -22.82
N PRO G 108 29.85 21.26 -23.47
CA PRO G 108 30.12 21.28 -24.92
C PRO G 108 28.94 20.90 -25.79
N PHE G 109 27.76 20.68 -25.21
CA PHE G 109 26.62 20.16 -25.94
C PHE G 109 25.65 21.28 -26.30
N VAL G 110 25.11 21.21 -27.52
CA VAL G 110 24.23 22.24 -28.03
C VAL G 110 22.87 22.15 -27.32
N GLN G 111 22.47 23.21 -26.64
CA GLN G 111 21.27 23.21 -25.82
C GLN G 111 20.00 23.05 -26.66
N MET H 1 16.89 -18.09 -27.52
CA MET H 1 16.07 -17.94 -26.32
C MET H 1 14.62 -17.73 -26.70
N SER H 2 13.75 -17.69 -25.68
CA SER H 2 12.37 -17.26 -25.88
C SER H 2 12.35 -15.89 -26.55
N LEU H 3 13.43 -15.11 -26.36
CA LEU H 3 13.57 -13.82 -27.02
C LEU H 3 13.67 -13.97 -28.53
N ALA H 4 14.10 -15.12 -29.03
CA ALA H 4 14.01 -15.36 -30.46
C ALA H 4 12.57 -15.21 -30.94
N ASP H 5 11.59 -15.47 -30.08
CA ASP H 5 10.19 -15.27 -30.45
C ASP H 5 9.87 -13.82 -30.75
N PHE H 6 10.65 -12.87 -30.23
CA PHE H 6 10.39 -11.45 -30.40
C PHE H 6 11.23 -10.79 -31.50
N MET H 7 12.09 -11.55 -32.19
CA MET H 7 13.02 -10.95 -33.15
C MET H 7 12.29 -10.16 -34.25
N GLU H 8 12.86 -9.02 -34.61
CA GLU H 8 12.38 -8.16 -35.70
C GLU H 8 11.01 -7.58 -35.41
N GLN H 9 10.59 -7.54 -34.16
CA GLN H 9 9.30 -6.96 -33.80
C GLN H 9 9.50 -5.86 -32.77
N ARG H 10 8.49 -5.00 -32.66
CA ARG H 10 8.49 -3.94 -31.65
C ARG H 10 8.42 -4.56 -30.28
N VAL H 11 9.27 -4.08 -29.39
CA VAL H 11 9.51 -4.68 -28.10
C VAL H 11 9.64 -3.54 -27.10
N GLN H 12 9.32 -3.80 -25.84
CA GLN H 12 9.36 -2.76 -24.80
C GLN H 12 10.21 -3.29 -23.66
N VAL H 13 11.33 -2.64 -23.40
CA VAL H 13 12.29 -3.11 -22.41
C VAL H 13 12.12 -2.28 -21.15
N ILE H 14 12.04 -2.95 -20.01
CA ILE H 14 12.11 -2.31 -18.71
C ILE H 14 13.47 -2.64 -18.13
N THR H 15 14.25 -1.61 -17.79
CA THR H 15 15.59 -1.78 -17.29
C THR H 15 15.62 -1.69 -15.78
N ASN H 16 16.78 -2.05 -15.20
CA ASN H 16 16.89 -2.11 -13.75
C ASN H 16 16.76 -0.73 -13.11
N ASP H 17 17.04 0.34 -13.85
CA ASP H 17 16.86 1.70 -13.32
C ASP H 17 15.48 2.24 -13.60
N GLY H 18 14.54 1.39 -14.01
CA GLY H 18 13.15 1.80 -14.14
C GLY H 18 12.79 2.44 -15.47
N ARG H 19 13.69 2.45 -16.44
CA ARG H 19 13.38 3.16 -17.66
C ARG H 19 12.62 2.25 -18.60
N VAL H 20 11.87 2.85 -19.51
CA VAL H 20 11.01 2.14 -20.46
C VAL H 20 11.51 2.52 -21.84
N VAL H 21 12.02 1.56 -22.61
CA VAL H 21 12.46 1.91 -23.96
C VAL H 21 11.89 0.92 -24.97
N LEU H 22 11.33 1.45 -26.04
CA LEU H 22 10.67 0.65 -27.07
C LEU H 22 11.53 0.65 -28.31
N GLY H 23 11.54 -0.48 -29.02
CA GLY H 23 12.22 -0.47 -30.31
C GLY H 23 12.13 -1.84 -30.96
N SER H 24 12.70 -1.94 -32.16
CA SER H 24 12.72 -3.21 -32.88
C SER H 24 13.86 -4.11 -32.41
N LEU H 25 13.54 -5.34 -32.05
CA LEU H 25 14.58 -6.23 -31.54
C LEU H 25 15.38 -6.73 -32.73
N LYS H 26 16.65 -6.31 -32.80
CA LYS H 26 17.50 -6.76 -33.89
C LYS H 26 18.44 -7.87 -33.46
N GLY H 27 18.61 -8.10 -32.17
CA GLY H 27 19.43 -9.24 -31.82
C GLY H 27 19.63 -9.31 -30.33
N PHE H 28 20.07 -10.47 -29.81
CA PHE H 28 20.32 -10.64 -28.41
C PHE H 28 21.38 -11.73 -28.25
N ASP H 29 21.89 -11.91 -27.04
CA ASP H 29 22.75 -13.05 -26.83
C ASP H 29 22.44 -13.68 -25.47
N HIS H 30 23.23 -14.69 -25.10
CA HIS H 30 22.94 -15.51 -23.94
C HIS H 30 23.10 -14.76 -22.62
N THR H 31 23.58 -13.51 -22.62
CA THR H 31 23.55 -12.73 -21.38
C THR H 31 22.40 -11.73 -21.38
N THR H 32 21.56 -11.75 -22.41
CA THR H 32 20.45 -10.82 -22.59
C THR H 32 20.91 -9.43 -23.01
N ASN H 33 22.16 -9.25 -23.45
CA ASN H 33 22.46 -8.04 -24.22
C ASN H 33 21.42 -7.94 -25.33
N LEU H 34 21.00 -6.73 -25.66
CA LEU H 34 19.98 -6.54 -26.69
C LEU H 34 20.42 -5.45 -27.65
N ILE H 35 20.01 -5.56 -28.91
CA ILE H 35 20.05 -4.47 -29.87
C ILE H 35 18.62 -4.04 -30.16
N LEU H 36 18.32 -2.76 -29.94
CA LEU H 36 17.07 -2.18 -30.39
C LEU H 36 17.38 -1.12 -31.43
N SER H 37 16.59 -1.08 -32.51
CA SER H 37 16.73 0.00 -33.48
C SER H 37 15.43 0.78 -33.57
N ASP H 38 15.51 1.98 -34.12
CA ASP H 38 14.38 2.92 -34.12
C ASP H 38 13.76 3.01 -32.73
N SER H 39 14.60 3.04 -31.72
CA SER H 39 14.11 2.99 -30.35
C SER H 39 13.83 4.39 -29.80
N PHE H 40 13.05 4.41 -28.74
CA PHE H 40 12.79 5.67 -28.04
C PHE H 40 12.47 5.33 -26.60
N GLU H 41 12.68 6.29 -25.70
CA GLU H 41 12.33 6.08 -24.30
C GLU H 41 10.99 6.74 -24.05
N ARG H 42 10.18 6.12 -23.19
CA ARG H 42 8.93 6.73 -22.74
C ARG H 42 9.06 7.06 -21.27
N ILE H 43 8.76 8.29 -20.91
CA ILE H 43 8.74 8.71 -19.52
C ILE H 43 7.29 9.03 -19.19
N ILE H 44 6.63 8.06 -18.59
CA ILE H 44 5.31 8.21 -17.97
C ILE H 44 5.52 8.63 -16.53
N SER H 45 4.75 9.61 -16.10
CA SER H 45 4.81 10.12 -14.74
C SER H 45 3.39 10.39 -14.26
N MET H 46 3.27 10.86 -13.02
CA MET H 46 1.96 11.31 -12.58
C MET H 46 1.78 12.80 -12.71
N ASP H 47 2.85 13.58 -12.61
CA ASP H 47 2.70 15.03 -12.57
C ASP H 47 2.56 15.64 -13.95
N GLN H 48 3.18 15.04 -14.98
CA GLN H 48 3.24 15.65 -16.31
C GLN H 48 2.92 14.61 -17.38
N ASP H 49 2.54 15.09 -18.56
CA ASP H 49 2.25 14.23 -19.71
C ASP H 49 3.47 13.40 -20.07
N MET H 50 3.23 12.33 -20.83
CA MET H 50 4.31 11.43 -21.20
C MET H 50 5.32 12.12 -22.12
N GLU H 51 6.61 11.90 -21.85
CA GLU H 51 7.70 12.38 -22.69
C GLU H 51 8.21 11.23 -23.53
N THR H 52 8.60 11.52 -24.76
CA THR H 52 9.16 10.52 -25.66
C THR H 52 10.52 11.00 -26.15
N ILE H 53 11.58 10.27 -25.84
CA ILE H 53 12.91 10.69 -26.27
C ILE H 53 13.39 9.76 -27.37
N PRO H 54 13.79 10.26 -28.54
CA PRO H 54 14.32 9.37 -29.58
C PRO H 54 15.73 8.92 -29.22
N LEU H 55 16.01 7.62 -29.44
CA LEU H 55 17.30 7.04 -29.07
C LEU H 55 18.07 6.37 -30.22
N GLY H 56 17.43 6.08 -31.35
CA GLY H 56 18.19 5.50 -32.44
C GLY H 56 18.52 4.04 -32.14
N VAL H 57 19.77 3.65 -32.42
CA VAL H 57 20.22 2.29 -32.13
C VAL H 57 20.76 2.24 -30.71
N TYR H 58 20.30 1.26 -29.95
CA TYR H 58 20.48 1.17 -28.50
C TYR H 58 20.98 -0.22 -28.21
N LEU H 59 22.21 -0.35 -27.70
CA LEU H 59 22.70 -1.63 -27.22
C LEU H 59 22.58 -1.66 -25.70
N LEU H 60 21.80 -2.58 -25.16
CA LEU H 60 21.54 -2.62 -23.74
C LEU H 60 22.30 -3.80 -23.16
N ARG H 61 23.08 -3.56 -22.11
CA ARG H 61 23.81 -4.65 -21.49
C ARG H 61 22.84 -5.47 -20.66
N GLY H 62 22.90 -6.80 -20.80
CA GLY H 62 21.85 -7.67 -20.25
C GLY H 62 21.67 -7.57 -18.75
N GLU H 63 22.77 -7.38 -18.04
CA GLU H 63 22.75 -7.13 -16.61
C GLU H 63 21.76 -6.05 -16.23
N ASN H 64 21.42 -5.16 -17.15
CA ASN H 64 20.57 -4.02 -16.81
C ASN H 64 19.15 -4.22 -17.29
N VAL H 65 18.87 -5.37 -17.89
CA VAL H 65 17.56 -5.68 -18.46
C VAL H 65 16.74 -6.45 -17.46
N ALA H 66 15.57 -5.92 -17.11
CA ALA H 66 14.63 -6.64 -16.25
C ALA H 66 13.59 -7.40 -17.05
N MET H 67 12.95 -6.75 -18.00
CA MET H 67 11.87 -7.39 -18.73
C MET H 67 11.94 -6.97 -20.16
N VAL H 68 11.53 -7.86 -21.06
CA VAL H 68 11.32 -7.53 -22.48
C VAL H 68 9.91 -7.96 -22.86
N GLY H 69 9.04 -6.99 -23.16
CA GLY H 69 7.66 -7.28 -23.52
C GLY H 69 7.47 -7.10 -25.02
N LEU H 70 6.62 -7.94 -25.60
CA LEU H 70 6.29 -7.81 -27.02
C LEU H 70 5.10 -6.86 -27.11
N VAL H 71 5.26 -5.75 -27.83
CA VAL H 71 4.17 -4.78 -27.86
C VAL H 71 3.15 -5.25 -28.88
N ASN H 72 1.92 -5.38 -28.43
CA ASN H 72 0.83 -5.85 -29.27
C ASN H 72 0.32 -4.66 -30.03
N GLU H 73 0.47 -4.69 -31.37
CA GLU H 73 0.25 -3.48 -32.14
C GLU H 73 -1.19 -3.00 -31.99
N GLU H 74 -2.16 -3.91 -31.95
CA GLU H 74 -3.55 -3.48 -31.86
C GLU H 74 -3.85 -2.83 -30.51
N LEU H 75 -3.49 -3.52 -29.43
CA LEU H 75 -3.65 -2.94 -28.09
C LEU H 75 -3.02 -1.55 -28.01
N ASP H 76 -1.81 -1.41 -28.57
CA ASP H 76 -1.13 -0.12 -28.50
C ASP H 76 -1.80 0.94 -29.35
N SER H 77 -2.42 0.53 -30.47
CA SER H 77 -3.17 1.49 -31.27
C SER H 77 -4.37 2.01 -30.51
N GLU H 78 -4.98 1.18 -29.67
CA GLU H 78 -6.14 1.61 -28.92
C GLU H 78 -5.80 2.61 -27.80
N ILE H 79 -4.53 2.72 -27.40
CA ILE H 79 -4.13 3.53 -26.25
C ILE H 79 -3.66 4.90 -26.70
N GLU H 80 -4.10 5.94 -26.00
CA GLU H 80 -3.60 7.31 -26.22
C GLU H 80 -2.55 7.61 -25.14
N TRP H 81 -1.30 7.27 -25.46
CA TRP H 81 -0.22 7.38 -24.49
C TRP H 81 0.07 8.82 -24.08
N THR H 82 -0.36 9.80 -24.88
CA THR H 82 -0.11 11.20 -24.53
C THR H 82 -0.72 11.55 -23.18
N LYS H 83 -2.01 11.25 -23.01
CA LYS H 83 -2.72 11.53 -21.78
C LYS H 83 -2.60 10.40 -20.73
N ILE H 84 -1.47 9.67 -20.68
CA ILE H 84 -1.31 8.57 -19.73
C ILE H 84 -0.40 9.00 -18.58
N ARG H 85 -0.85 8.71 -17.36
CA ARG H 85 -0.10 9.01 -16.16
C ARG H 85 0.11 7.72 -15.38
N GLY H 86 1.21 7.69 -14.64
CA GLY H 86 1.52 6.49 -13.90
C GLY H 86 2.69 6.77 -12.99
N GLU H 87 2.96 5.81 -12.12
CA GLU H 87 4.07 5.98 -11.20
C GLU H 87 5.36 5.61 -11.91
N ALA H 88 6.46 6.23 -11.47
CA ALA H 88 7.75 5.80 -11.95
C ALA H 88 7.97 4.35 -11.57
N ILE H 89 8.47 3.55 -12.50
CA ILE H 89 8.79 2.17 -12.15
C ILE H 89 9.97 2.15 -11.20
N PRO H 90 9.93 1.40 -10.11
CA PRO H 90 11.04 1.44 -9.15
C PRO H 90 12.31 0.80 -9.69
N ASP H 91 13.42 1.15 -9.06
CA ASP H 91 14.70 0.50 -9.41
C ASP H 91 14.70 -0.94 -8.95
N VAL H 92 15.41 -1.79 -9.70
CA VAL H 92 15.71 -3.11 -9.17
C VAL H 92 16.66 -2.96 -8.00
N VAL H 93 16.32 -3.58 -6.88
CA VAL H 93 17.17 -3.64 -5.71
C VAL H 93 17.64 -5.07 -5.58
N HIS H 94 18.94 -5.29 -5.71
CA HIS H 94 19.48 -6.65 -5.59
C HIS H 94 19.67 -6.99 -4.13
N MET J 1 -17.85 13.66 29.34
CA MET J 1 -16.92 14.76 29.46
C MET J 1 -15.51 14.18 29.59
N LEU J 2 -15.42 12.86 29.80
CA LEU J 2 -14.12 12.26 30.04
C LEU J 2 -13.19 12.43 28.84
N PHE J 3 -13.65 12.07 27.64
CA PHE J 3 -12.71 12.13 26.50
C PHE J 3 -12.62 13.53 25.94
N TYR J 4 -13.68 14.32 26.08
CA TYR J 4 -13.56 15.75 25.81
C TYR J 4 -12.47 16.37 26.68
N SER J 5 -12.45 16.04 27.98
CA SER J 5 -11.39 16.57 28.87
C SER J 5 -10.01 16.05 28.47
N PHE J 6 -9.92 14.78 28.14
CA PHE J 6 -8.64 14.21 27.70
C PHE J 6 -8.09 14.93 26.47
N PHE J 7 -8.94 15.14 25.46
CA PHE J 7 -8.47 15.82 24.27
C PHE J 7 -8.07 17.24 24.60
N LYS J 8 -8.76 17.89 25.56
CA LYS J 8 -8.29 19.21 25.94
C LYS J 8 -6.85 19.13 26.43
N THR J 9 -6.50 18.06 27.18
CA THR J 9 -5.08 18.03 27.62
C THR J 9 -4.14 17.86 26.46
N LEU J 10 -4.64 17.46 25.31
CA LEU J 10 -3.70 17.32 24.20
C LEU J 10 -3.61 18.55 23.31
N ILE J 11 -4.35 19.62 23.64
CA ILE J 11 -4.25 20.84 22.84
C ILE J 11 -2.82 21.32 22.84
N ASP J 12 -2.38 21.83 21.68
CA ASP J 12 -1.03 22.31 21.40
C ASP J 12 -0.02 21.21 21.13
N THR J 13 -0.40 19.94 21.14
CA THR J 13 0.48 18.82 20.84
C THR J 13 0.04 18.19 19.53
N GLU J 14 0.97 17.47 18.90
CA GLU J 14 0.71 16.90 17.58
C GLU J 14 -0.08 15.62 17.67
N VAL J 15 -1.17 15.52 16.90
CA VAL J 15 -1.97 14.30 16.83
C VAL J 15 -2.07 13.92 15.35
N THR J 16 -2.49 12.67 15.11
CA THR J 16 -2.84 12.17 13.79
C THR J 16 -4.24 11.61 13.90
N VAL J 17 -5.16 12.11 13.07
CA VAL J 17 -6.56 11.69 13.04
C VAL J 17 -6.75 10.77 11.85
N GLU J 18 -7.17 9.53 12.09
CA GLU J 18 -7.51 8.63 11.00
C GLU J 18 -9.02 8.68 10.82
N LEU J 19 -9.48 8.91 9.58
CA LEU J 19 -10.90 9.09 9.33
C LEU J 19 -11.50 7.81 8.77
N LYS J 20 -12.83 7.75 8.80
CA LYS J 20 -13.51 6.57 8.27
C LYS J 20 -13.50 6.54 6.76
N ASN J 21 -12.91 7.54 6.10
CA ASN J 21 -12.65 7.40 4.69
C ASN J 21 -11.21 7.03 4.40
N ASP J 22 -10.47 6.58 5.42
CA ASP J 22 -9.10 6.05 5.35
C ASP J 22 -8.05 7.13 5.15
N MET J 23 -8.42 8.41 5.01
CA MET J 23 -7.43 9.47 5.08
C MET J 23 -6.92 9.64 6.49
N SER J 24 -5.65 10.02 6.63
CA SER J 24 -5.09 10.35 7.94
C SER J 24 -4.48 11.74 7.85
N ILE J 25 -4.75 12.57 8.86
CA ILE J 25 -4.27 13.96 8.87
C ILE J 25 -3.53 14.23 10.16
N ARG J 26 -2.30 14.71 10.05
CA ARG J 26 -1.43 15.06 11.18
C ARG J 26 -1.45 16.56 11.41
N GLY J 27 -1.47 17.00 12.67
CA GLY J 27 -1.47 18.44 12.91
C GLY J 27 -1.50 18.74 14.40
N ILE J 28 -1.39 20.03 14.73
CA ILE J 28 -1.43 20.47 16.11
C ILE J 28 -2.90 20.59 16.51
N LEU J 29 -3.31 19.85 17.54
CA LEU J 29 -4.67 19.98 18.05
C LEU J 29 -4.88 21.36 18.64
N LYS J 30 -5.83 22.13 18.11
CA LYS J 30 -6.12 23.44 18.66
C LYS J 30 -7.44 23.52 19.38
N SER J 31 -8.38 22.65 19.10
CA SER J 31 -9.70 22.81 19.71
C SER J 31 -10.40 21.47 19.67
N VAL J 32 -11.32 21.26 20.61
CA VAL J 32 -12.14 20.04 20.63
C VAL J 32 -13.43 20.41 21.33
N ASP J 33 -14.55 19.77 20.95
CA ASP J 33 -15.77 20.08 21.67
C ASP J 33 -16.48 18.83 22.19
N GLN J 34 -17.69 18.99 22.71
CA GLN J 34 -18.39 17.88 23.36
C GLN J 34 -18.65 16.75 22.39
N PHE J 35 -18.76 17.05 21.09
CA PHE J 35 -18.97 16.03 20.08
C PHE J 35 -17.68 15.35 19.68
N LEU J 36 -16.55 15.78 20.25
CA LEU J 36 -15.23 15.36 19.81
C LEU J 36 -14.93 15.80 18.36
N ASN J 37 -15.66 16.80 17.85
CA ASN J 37 -15.17 17.59 16.72
C ASN J 37 -13.80 18.13 17.05
N VAL J 38 -12.95 18.23 16.04
CA VAL J 38 -11.58 18.58 16.32
C VAL J 38 -11.09 19.63 15.31
N LYS J 39 -10.27 20.57 15.78
CA LYS J 39 -9.64 21.52 14.89
C LYS J 39 -8.14 21.31 14.95
N LEU J 40 -7.52 21.11 13.80
CA LEU J 40 -6.09 20.90 13.69
C LEU J 40 -5.48 22.10 12.97
N GLU J 41 -4.26 22.46 13.35
CA GLU J 41 -3.56 23.56 12.72
C GLU J 41 -2.26 23.06 12.10
N ASN J 42 -1.85 23.74 11.03
CA ASN J 42 -0.68 23.39 10.23
C ASN J 42 -0.71 21.90 9.87
N ILE J 43 -1.83 21.48 9.29
CA ILE J 43 -2.00 20.07 8.98
C ILE J 43 -1.14 19.68 7.79
N SER J 44 -0.79 18.40 7.74
CA SER J 44 -0.30 17.79 6.52
C SER J 44 -0.95 16.42 6.39
N VAL J 45 -1.59 16.18 5.24
CA VAL J 45 -2.20 14.88 4.96
C VAL J 45 -1.11 13.83 4.89
N VAL J 46 -1.35 12.69 5.55
CA VAL J 46 -0.30 11.68 5.68
C VAL J 46 0.16 11.21 4.30
N ASP J 47 -0.76 10.88 3.41
CA ASP J 47 -0.34 10.38 2.08
C ASP J 47 -0.64 11.43 1.01
N ALA J 48 0.14 12.51 1.01
CA ALA J 48 -0.29 13.70 0.29
C ALA J 48 -0.28 13.52 -1.22
N SER J 49 0.56 12.62 -1.76
CA SER J 49 0.50 12.45 -3.20
C SER J 49 -0.73 11.67 -3.63
N LYS J 50 -1.27 10.83 -2.76
CA LYS J 50 -2.59 10.27 -3.03
C LYS J 50 -3.66 11.34 -3.02
N TYR J 51 -3.59 12.27 -2.06
CA TYR J 51 -4.62 13.26 -1.84
C TYR J 51 -4.04 14.66 -1.91
N PRO J 52 -3.84 15.20 -3.11
CA PRO J 52 -3.34 16.57 -3.22
C PRO J 52 -4.40 17.63 -2.96
N HIS J 53 -5.63 17.20 -2.60
CA HIS J 53 -6.75 18.12 -2.52
C HIS J 53 -6.56 19.14 -1.41
N MET J 54 -5.76 18.83 -0.39
CA MET J 54 -5.68 19.74 0.75
C MET J 54 -4.35 20.46 0.82
N ALA J 55 -3.67 20.62 -0.32
CA ALA J 55 -2.39 21.30 -0.34
C ALA J 55 -2.48 22.77 0.03
N ALA J 56 -3.66 23.39 -0.02
CA ALA J 56 -3.80 24.80 0.31
C ALA J 56 -4.48 25.02 1.65
N VAL J 57 -4.71 23.96 2.40
CA VAL J 57 -5.36 24.02 3.69
C VAL J 57 -4.31 23.85 4.79
N LYS J 58 -4.28 24.80 5.72
CA LYS J 58 -3.45 24.67 6.90
C LYS J 58 -4.26 24.35 8.14
N ASP J 59 -5.43 24.96 8.30
CA ASP J 59 -6.30 24.74 9.43
C ASP J 59 -7.52 23.94 9.00
N LEU J 60 -7.92 22.99 9.83
CA LEU J 60 -8.86 21.96 9.39
C LEU J 60 -9.80 21.62 10.53
N PHE J 61 -11.10 21.63 10.24
CA PHE J 61 -12.11 21.14 11.15
C PHE J 61 -12.51 19.73 10.72
N ILE J 62 -12.53 18.80 11.66
CA ILE J 62 -12.92 17.41 11.41
C ILE J 62 -14.13 17.09 12.28
N ARG J 63 -15.19 16.59 11.67
CA ARG J 63 -16.38 16.24 12.43
C ARG J 63 -16.14 14.96 13.22
N GLY J 64 -16.57 14.95 14.48
CA GLY J 64 -16.24 13.83 15.36
C GLY J 64 -16.77 12.49 14.90
N SER J 65 -17.90 12.49 14.20
CA SER J 65 -18.52 11.24 13.84
C SER J 65 -17.74 10.51 12.76
N VAL J 66 -16.82 11.21 12.10
CA VAL J 66 -16.07 10.59 11.01
C VAL J 66 -14.69 10.12 11.44
N VAL J 67 -14.32 10.36 12.70
CA VAL J 67 -13.06 9.87 13.25
C VAL J 67 -13.15 8.37 13.48
N ARG J 68 -12.13 7.64 13.01
CA ARG J 68 -11.90 6.27 13.47
C ARG J 68 -10.95 6.27 14.66
N TYR J 69 -9.76 6.87 14.50
CA TYR J 69 -8.76 6.93 15.56
C TYR J 69 -8.20 8.32 15.71
N VAL J 70 -7.72 8.65 16.90
CA VAL J 70 -6.72 9.70 17.04
C VAL J 70 -5.55 9.04 17.74
N HIS J 71 -4.38 9.12 17.14
CA HIS J 71 -3.20 8.56 17.78
C HIS J 71 -2.07 9.54 17.95
N MET J 72 -1.30 9.33 18.99
CA MET J 72 -0.37 10.34 19.46
C MET J 72 0.75 9.63 20.20
N SER J 73 1.84 10.35 20.37
CA SER J 73 2.98 9.86 21.15
C SER J 73 2.52 9.81 22.61
N SER J 74 2.96 8.79 23.32
CA SER J 74 2.70 8.67 24.74
C SER J 74 3.32 9.78 25.61
N ALA J 75 4.25 10.59 25.10
CA ALA J 75 4.94 11.53 26.00
C ALA J 75 4.06 12.61 26.60
N TYR J 76 2.95 12.98 25.97
CA TYR J 76 2.06 14.03 26.49
C TYR J 76 0.78 13.45 27.10
N VAL J 77 0.74 12.16 27.37
CA VAL J 77 -0.44 11.51 27.94
C VAL J 77 -0.03 10.98 29.30
N ASP J 78 -0.71 11.43 30.34
CA ASP J 78 -0.54 10.86 31.66
C ASP J 78 -1.58 9.76 31.82
N THR J 79 -1.15 8.51 31.72
CA THR J 79 -2.11 7.42 31.75
C THR J 79 -2.61 7.13 33.14
N ILE J 80 -1.83 7.48 34.16
CA ILE J 80 -2.33 7.40 35.53
C ILE J 80 -3.49 8.36 35.73
N LEU J 81 -3.32 9.61 35.29
CA LEU J 81 -4.41 10.56 35.46
C LEU J 81 -5.59 10.16 34.61
N LEU J 82 -5.34 9.62 33.41
CA LEU J 82 -6.44 9.22 32.55
C LEU J 82 -7.24 8.09 33.15
N ALA J 83 -6.57 7.04 33.63
CA ALA J 83 -7.31 5.93 34.22
C ALA J 83 -8.06 6.33 35.48
N ASP J 84 -7.40 7.12 36.36
CA ASP J 84 -8.09 7.61 37.55
C ASP J 84 -9.29 8.46 37.19
N ALA J 85 -9.14 9.33 36.19
CA ALA J 85 -10.27 10.13 35.76
C ALA J 85 -11.39 9.23 35.27
N CYS J 86 -11.04 8.14 34.57
CA CYS J 86 -12.04 7.20 34.10
C CYS J 86 -12.78 6.56 35.26
N ARG J 87 -12.02 6.10 36.26
CA ARG J 87 -12.67 5.50 37.43
C ARG J 87 -13.56 6.51 38.13
N ARG J 88 -13.15 7.77 38.14
CA ARG J 88 -13.97 8.78 38.82
C ARG J 88 -15.20 9.18 38.00
N ASP J 89 -15.16 8.99 36.69
CA ASP J 89 -16.27 9.25 35.77
C ASP J 89 -17.39 8.20 35.89
N GLU K 11 -25.47 -3.17 33.19
CA GLU K 11 -24.44 -4.07 33.68
C GLU K 11 -23.41 -4.62 32.64
N PRO K 12 -23.76 -4.77 31.34
CA PRO K 12 -22.72 -5.18 30.37
C PRO K 12 -21.46 -4.37 30.46
N LEU K 13 -21.55 -3.04 30.64
CA LEU K 13 -20.32 -2.26 30.69
C LEU K 13 -19.42 -2.67 31.86
N ASP K 14 -19.94 -3.39 32.87
CA ASP K 14 -19.10 -3.83 33.97
C ASP K 14 -17.94 -4.71 33.50
N LEU K 15 -18.17 -5.48 32.44
CA LEU K 15 -17.09 -6.26 31.83
C LEU K 15 -15.94 -5.33 31.42
N VAL K 16 -16.29 -4.25 30.72
CA VAL K 16 -15.23 -3.37 30.27
C VAL K 16 -14.63 -2.61 31.43
N ARG K 17 -15.45 -2.34 32.47
CA ARG K 17 -14.88 -1.71 33.65
C ARG K 17 -13.83 -2.59 34.27
N LEU K 18 -14.09 -3.90 34.29
CA LEU K 18 -13.13 -4.83 34.88
C LEU K 18 -11.92 -4.95 34.02
N SER K 19 -11.98 -4.43 32.81
CA SER K 19 -10.80 -4.56 31.97
C SER K 19 -9.90 -3.34 32.07
N LEU K 20 -10.26 -2.34 32.89
CA LEU K 20 -9.45 -1.14 33.04
C LEU K 20 -8.02 -1.48 33.47
N ASP K 21 -7.04 -0.92 32.74
CA ASP K 21 -5.60 -1.14 32.92
C ASP K 21 -5.15 -2.55 32.53
N GLU K 22 -6.01 -3.33 31.91
CA GLU K 22 -5.62 -4.63 31.39
C GLU K 22 -5.57 -4.59 29.87
N ILE K 23 -4.83 -5.53 29.30
CA ILE K 23 -4.80 -5.66 27.85
C ILE K 23 -6.14 -6.23 27.40
N VAL K 24 -6.75 -5.58 26.41
CA VAL K 24 -7.97 -6.09 25.80
C VAL K 24 -7.75 -6.30 24.32
N TYR K 25 -8.61 -7.18 23.77
CA TYR K 25 -8.80 -7.32 22.34
C TYR K 25 -10.08 -6.59 21.92
N VAL K 26 -9.99 -5.83 20.83
CA VAL K 26 -11.14 -5.09 20.32
C VAL K 26 -11.33 -5.45 18.85
N LYS K 27 -12.55 -5.85 18.50
CA LYS K 27 -12.88 -6.11 17.11
C LYS K 27 -13.71 -4.92 16.62
N LEU K 28 -13.32 -4.37 15.46
CA LEU K 28 -13.89 -3.15 14.91
C LEU K 28 -14.53 -3.42 13.56
N ARG K 29 -15.45 -2.54 13.19
CA ARG K 29 -15.98 -2.56 11.84
C ARG K 29 -14.87 -2.34 10.84
N GLY K 30 -15.05 -2.89 9.65
CA GLY K 30 -14.08 -2.70 8.59
C GLY K 30 -12.91 -3.65 8.63
N ASP K 31 -13.08 -4.84 9.21
CA ASP K 31 -12.05 -5.88 9.27
C ASP K 31 -10.77 -5.36 9.91
N ARG K 32 -10.93 -4.75 11.07
CA ARG K 32 -9.84 -4.22 11.88
C ARG K 32 -9.95 -4.79 13.29
N GLU K 33 -8.79 -5.01 13.90
CA GLU K 33 -8.71 -5.53 15.25
C GLU K 33 -7.62 -4.79 15.99
N LEU K 34 -7.80 -4.61 17.29
CA LEU K 34 -6.83 -3.91 18.12
C LEU K 34 -6.49 -4.82 19.29
N ASN K 35 -5.21 -4.78 19.72
CA ASN K 35 -4.79 -5.35 21.00
C ASN K 35 -4.04 -4.27 21.75
N GLY K 36 -4.51 -3.93 22.95
CA GLY K 36 -3.80 -2.89 23.68
C GLY K 36 -4.21 -2.81 25.13
N ARG K 37 -3.56 -1.91 25.87
CA ARG K 37 -3.86 -1.79 27.28
C ARG K 37 -4.90 -0.69 27.47
N LEU K 38 -6.03 -1.05 28.07
CA LEU K 38 -7.17 -0.15 28.22
C LEU K 38 -6.88 0.86 29.33
N HIS K 39 -6.75 2.14 28.95
CA HIS K 39 -6.55 3.18 29.93
C HIS K 39 -7.81 3.98 30.21
N ALA K 40 -8.82 3.90 29.35
CA ALA K 40 -10.04 4.66 29.62
C ALA K 40 -11.11 4.16 28.66
N TYR K 41 -12.38 4.29 29.07
CA TYR K 41 -13.47 4.00 28.15
C TYR K 41 -14.62 4.86 28.64
N ASP K 42 -15.65 5.04 27.81
CA ASP K 42 -16.87 5.67 28.32
C ASP K 42 -18.10 4.89 27.86
N GLU K 43 -19.29 5.46 28.08
CA GLU K 43 -20.51 4.73 27.75
C GLU K 43 -20.73 4.56 26.25
N HIS K 44 -19.99 5.26 25.39
CA HIS K 44 -20.10 5.02 23.96
C HIS K 44 -19.19 3.90 23.51
N LEU K 45 -18.35 3.38 24.40
CA LEU K 45 -17.19 2.55 24.09
C LEU K 45 -16.14 3.30 23.31
N ASN K 46 -16.13 4.63 23.35
CA ASN K 46 -14.87 5.34 23.09
C ASN K 46 -13.81 4.73 24.01
N MET K 47 -12.59 4.60 23.54
CA MET K 47 -11.57 4.00 24.38
C MET K 47 -10.25 4.69 24.07
N VAL K 48 -9.33 4.66 25.03
CA VAL K 48 -7.92 4.96 24.78
C VAL K 48 -7.13 3.70 25.11
N LEU K 49 -6.37 3.21 24.16
CA LEU K 49 -5.52 2.05 24.40
C LEU K 49 -4.07 2.50 24.35
N GLY K 50 -3.25 1.96 25.26
CA GLY K 50 -1.82 2.22 25.23
C GLY K 50 -1.08 1.05 24.61
N ASP K 51 0.01 1.36 23.92
CA ASP K 51 0.87 0.32 23.36
C ASP K 51 0.05 -0.65 22.53
N ALA K 52 -0.71 -0.11 21.57
CA ALA K 52 -1.69 -0.87 20.81
C ALA K 52 -1.14 -1.33 19.48
N GLU K 53 -1.58 -2.50 19.07
CA GLU K 53 -1.33 -3.04 17.74
C GLU K 53 -2.65 -3.11 17.00
N GLU K 54 -2.66 -2.65 15.75
CA GLU K 54 -3.83 -2.76 14.88
C GLU K 54 -3.51 -3.79 13.81
N ILE K 55 -4.47 -4.67 13.53
CA ILE K 55 -4.38 -5.62 12.43
C ILE K 55 -5.49 -5.26 11.48
N VAL K 56 -5.14 -4.96 10.23
CA VAL K 56 -6.12 -4.66 9.21
C VAL K 56 -6.09 -5.81 8.23
N THR K 57 -7.24 -6.41 7.98
CA THR K 57 -7.32 -7.53 7.03
C THR K 57 -7.86 -7.02 5.71
N ILE K 58 -7.13 -7.28 4.63
CA ILE K 58 -7.47 -6.85 3.28
C ILE K 58 -7.87 -8.10 2.49
N PHE K 59 -9.03 -8.03 1.83
CA PHE K 59 -9.53 -9.10 0.97
C PHE K 59 -9.44 -8.75 -0.52
N LYS K 68 -11.58 -15.23 1.64
CA LYS K 68 -10.18 -15.51 1.91
C LYS K 68 -9.38 -14.21 1.92
N ALA K 69 -8.58 -13.99 2.96
CA ALA K 69 -7.83 -12.74 3.05
C ALA K 69 -6.72 -12.67 2.03
N LEU K 70 -6.49 -11.46 1.52
CA LEU K 70 -5.38 -11.21 0.62
C LEU K 70 -4.11 -10.85 1.39
N LYS K 71 -4.24 -10.17 2.53
CA LYS K 71 -3.10 -9.85 3.38
C LYS K 71 -3.58 -9.19 4.67
N THR K 72 -2.67 -9.02 5.62
CA THR K 72 -2.95 -8.27 6.83
C THR K 72 -1.83 -7.26 7.04
N ILE K 73 -2.20 -6.13 7.62
CA ILE K 73 -1.28 -5.04 7.84
C ILE K 73 -1.29 -4.77 9.32
N ARG K 74 -0.12 -4.82 9.95
CA ARG K 74 -0.02 -4.54 11.38
C ARG K 74 0.68 -3.20 11.59
N LYS K 75 0.11 -2.39 12.44
CA LYS K 75 0.69 -1.10 12.82
C LYS K 75 0.71 -1.01 14.33
N HIS K 76 1.72 -0.31 14.86
CA HIS K 76 1.80 -0.08 16.29
C HIS K 76 1.58 1.39 16.62
N TYR K 77 0.86 1.66 17.71
CA TYR K 77 0.57 2.99 18.22
C TYR K 77 0.89 3.09 19.71
N GLU K 78 1.70 4.07 20.09
CA GLU K 78 1.96 4.30 21.52
C GLU K 78 0.69 4.57 22.28
N MET K 79 -0.18 5.44 21.75
CA MET K 79 -1.45 5.82 22.35
C MET K 79 -2.48 5.94 21.25
N LEU K 80 -3.69 5.48 21.50
CA LEU K 80 -4.64 5.40 20.40
C LEU K 80 -6.01 5.63 20.98
N PHE K 81 -6.66 6.71 20.57
CA PHE K 81 -8.09 6.88 20.84
C PHE K 81 -8.89 6.18 19.74
N VAL K 82 -9.89 5.41 20.14
CA VAL K 82 -10.79 4.69 19.23
C VAL K 82 -12.19 5.23 19.47
N ARG K 83 -12.84 5.73 18.40
CA ARG K 83 -14.22 6.19 18.53
C ARG K 83 -15.13 4.98 18.69
N GLY K 84 -16.10 5.11 19.59
CA GLY K 84 -16.85 3.93 20.00
C GLY K 84 -17.71 3.32 18.91
N ASP K 85 -18.18 4.14 17.97
CA ASP K 85 -19.15 3.64 16.99
C ASP K 85 -18.53 2.64 16.01
N SER K 86 -17.21 2.48 15.99
CA SER K 86 -16.51 1.44 15.23
C SER K 86 -16.41 0.12 15.98
N VAL K 87 -16.70 0.10 17.28
CA VAL K 87 -16.40 -1.09 18.08
C VAL K 87 -17.48 -2.14 17.86
N ILE K 88 -17.07 -3.37 17.57
CA ILE K 88 -17.99 -4.51 17.55
C ILE K 88 -17.93 -5.29 18.85
N LEU K 89 -16.74 -5.69 19.29
CA LEU K 89 -16.70 -6.42 20.56
C LEU K 89 -15.38 -6.22 21.29
N ILE K 90 -15.43 -6.46 22.59
CA ILE K 90 -14.28 -6.30 23.48
C ILE K 90 -14.18 -7.58 24.29
N ALA K 91 -12.97 -8.16 24.35
CA ALA K 91 -12.78 -9.47 24.97
C ALA K 91 -11.40 -9.51 25.60
N PRO K 92 -11.14 -10.50 26.47
CA PRO K 92 -9.76 -10.75 26.88
C PRO K 92 -8.91 -11.17 25.69
N PRO K 93 -7.60 -10.90 25.75
CA PRO K 93 -6.67 -11.23 24.65
C PRO K 93 -6.43 -12.74 24.51
N MET L 1 -25.30 33.17 9.63
CA MET L 1 -26.68 32.88 9.25
C MET L 1 -26.94 31.42 9.50
N LEU L 2 -28.04 31.08 10.16
CA LEU L 2 -28.20 29.65 10.42
C LEU L 2 -28.77 28.97 9.17
N PRO L 3 -28.34 27.73 8.91
CA PRO L 3 -28.87 27.04 7.72
C PRO L 3 -30.38 26.92 7.69
N LEU L 4 -31.03 26.67 8.83
CA LEU L 4 -32.48 26.57 8.81
C LEU L 4 -33.16 27.91 8.55
N THR L 5 -32.52 29.03 8.92
CA THR L 5 -33.10 30.32 8.53
C THR L 5 -33.12 30.45 7.02
N LEU L 6 -32.02 30.05 6.36
CA LEU L 6 -32.01 30.09 4.91
C LEU L 6 -33.06 29.15 4.34
N LEU L 7 -33.19 27.96 4.91
CA LEU L 7 -34.13 26.99 4.39
C LEU L 7 -35.57 27.46 4.52
N ASN L 8 -35.92 28.01 5.69
CA ASN L 8 -37.26 28.56 5.85
C ASN L 8 -37.48 29.73 4.89
N ALA L 9 -36.44 30.51 4.59
CA ALA L 9 -36.62 31.61 3.66
C ALA L 9 -36.73 31.12 2.22
N THR L 10 -36.36 29.88 1.94
CA THR L 10 -36.57 29.40 0.57
C THR L 10 -37.95 28.76 0.37
N GLN L 11 -38.81 28.74 1.38
CA GLN L 11 -40.17 28.27 1.16
C GLN L 11 -40.82 29.12 0.09
N GLY L 12 -41.53 28.47 -0.83
CA GLY L 12 -42.15 29.20 -1.94
C GLY L 12 -41.26 29.40 -3.15
N ARG L 13 -40.01 28.96 -3.12
CA ARG L 13 -39.08 29.18 -4.20
C ARG L 13 -38.55 27.85 -4.74
N PRO L 14 -37.98 27.84 -5.94
CA PRO L 14 -37.39 26.61 -6.46
C PRO L 14 -36.19 26.18 -5.63
N ILE L 15 -35.92 24.88 -5.66
CA ILE L 15 -34.89 24.26 -4.84
C ILE L 15 -34.45 22.98 -5.54
N LEU L 16 -33.17 22.64 -5.37
CA LEU L 16 -32.66 21.35 -5.84
C LEU L 16 -32.15 20.55 -4.65
N VAL L 17 -32.58 19.29 -4.56
CA VAL L 17 -32.26 18.43 -3.42
C VAL L 17 -31.53 17.20 -3.93
N GLU L 18 -30.40 16.86 -3.31
CA GLU L 18 -29.76 15.58 -3.60
C GLU L 18 -29.74 14.71 -2.36
N LEU L 19 -30.19 13.46 -2.53
CA LEU L 19 -30.32 12.46 -1.49
C LEU L 19 -29.08 11.57 -1.44
N LYS L 20 -28.93 10.86 -0.32
CA LYS L 20 -27.81 9.94 -0.16
C LYS L 20 -27.76 8.93 -1.30
N ASN L 21 -28.93 8.45 -1.74
CA ASN L 21 -28.99 7.46 -2.81
C ASN L 21 -28.66 8.05 -4.19
N GLY L 22 -28.34 9.33 -4.30
CA GLY L 22 -27.97 9.90 -5.58
C GLY L 22 -29.10 10.44 -6.42
N GLU L 23 -30.36 10.25 -6.01
CA GLU L 23 -31.46 10.87 -6.74
C GLU L 23 -31.48 12.37 -6.47
N THR L 24 -31.92 13.13 -7.45
CA THR L 24 -32.11 14.57 -7.27
C THR L 24 -33.56 14.96 -7.49
N PHE L 25 -33.98 16.03 -6.82
CA PHE L 25 -35.34 16.53 -6.93
C PHE L 25 -35.29 18.02 -7.23
N ASN L 26 -35.94 18.42 -8.31
CA ASN L 26 -36.07 19.84 -8.67
C ASN L 26 -37.52 20.23 -8.43
N GLY L 27 -37.75 21.16 -7.52
CA GLY L 27 -39.14 21.55 -7.37
C GLY L 27 -39.25 22.81 -6.55
N HIS L 28 -40.49 23.22 -6.33
CA HIS L 28 -40.73 24.34 -5.43
C HIS L 28 -40.88 23.83 -4.00
N LEU L 29 -40.18 24.46 -3.07
CA LEU L 29 -40.25 24.09 -1.66
C LEU L 29 -41.57 24.58 -1.11
N GLU L 30 -42.47 23.64 -0.79
CA GLU L 30 -43.71 24.04 -0.17
C GLU L 30 -43.56 24.15 1.35
N ASN L 31 -42.76 23.29 1.98
CA ASN L 31 -42.60 23.43 3.43
C ASN L 31 -41.41 22.64 3.95
N CYS L 32 -40.99 22.98 5.16
CA CYS L 32 -39.89 22.34 5.85
C CYS L 32 -40.10 22.51 7.35
N ASP L 33 -39.43 21.65 8.12
CA ASP L 33 -39.45 21.71 9.57
C ASP L 33 -38.01 21.68 10.09
N ASN L 34 -37.86 21.66 11.41
CA ASN L 34 -36.53 21.70 12.00
C ASN L 34 -35.79 20.38 11.86
N TYR L 35 -36.44 19.33 11.35
CA TYR L 35 -35.75 18.11 10.97
C TYR L 35 -35.12 18.19 9.58
N MET L 36 -35.45 19.22 8.80
CA MET L 36 -35.13 19.39 7.38
C MET L 36 -36.00 18.49 6.50
N ASN L 37 -37.07 17.91 7.04
CA ASN L 37 -38.07 17.29 6.17
C ASN L 37 -38.60 18.33 5.19
N LEU L 38 -38.87 17.90 3.97
CA LEU L 38 -39.35 18.81 2.93
C LEU L 38 -40.63 18.30 2.30
N THR L 39 -41.52 19.22 1.97
CA THR L 39 -42.58 18.95 1.01
C THR L 39 -42.38 19.86 -0.18
N LEU L 40 -42.31 19.25 -1.36
CA LEU L 40 -42.14 19.97 -2.63
C LEU L 40 -43.38 19.82 -3.49
N ARG L 41 -43.57 20.82 -4.36
CA ARG L 41 -44.68 20.90 -5.31
C ARG L 41 -44.09 21.02 -6.71
N GLU L 42 -44.77 20.40 -7.68
CA GLU L 42 -44.37 20.40 -9.09
C GLU L 42 -42.90 19.99 -9.22
N VAL L 43 -42.66 18.69 -9.08
CA VAL L 43 -41.35 18.14 -8.84
C VAL L 43 -40.90 17.35 -10.05
N ILE L 44 -39.59 17.41 -10.31
CA ILE L 44 -38.93 16.48 -11.21
C ILE L 44 -37.97 15.63 -10.37
N ARG L 45 -38.17 14.33 -10.41
CA ARG L 45 -37.30 13.36 -9.75
C ARG L 45 -36.37 12.77 -10.80
N THR L 46 -35.07 12.79 -10.51
CA THR L 46 -34.04 12.27 -11.39
C THR L 46 -33.36 11.09 -10.70
N MET L 47 -33.33 9.96 -11.40
CA MET L 47 -32.72 8.76 -10.86
C MET L 47 -31.20 8.91 -10.81
N PRO L 48 -30.53 8.10 -10.00
CA PRO L 48 -29.09 8.32 -9.74
C PRO L 48 -28.19 8.40 -10.97
N ASP L 49 -28.45 7.62 -12.01
CA ASP L 49 -27.57 7.62 -13.17
C ASP L 49 -27.95 8.68 -14.20
N GLY L 50 -28.80 9.63 -13.83
CA GLY L 50 -29.36 10.52 -14.83
C GLY L 50 -30.10 9.79 -15.92
N ASP L 51 -30.56 8.56 -15.65
CA ASP L 51 -31.14 7.68 -16.67
C ASP L 51 -32.61 7.99 -16.92
N LYS L 52 -33.39 8.08 -15.84
CA LYS L 52 -34.84 8.05 -15.89
C LYS L 52 -35.36 9.24 -15.10
N PHE L 53 -36.54 9.74 -15.50
CA PHE L 53 -37.07 10.97 -14.94
C PHE L 53 -38.55 10.80 -14.66
N PHE L 54 -39.01 11.33 -13.52
CA PHE L 54 -40.43 11.32 -13.19
C PHE L 54 -40.90 12.72 -12.84
N ARG L 55 -42.17 13.00 -13.14
CA ARG L 55 -42.85 14.21 -12.70
C ARG L 55 -43.78 13.86 -11.55
N LEU L 56 -43.68 14.62 -10.47
CA LEU L 56 -44.50 14.39 -9.31
C LEU L 56 -45.29 15.66 -8.99
N PRO L 57 -46.61 15.59 -8.85
CA PRO L 57 -47.35 16.80 -8.44
C PRO L 57 -46.83 17.36 -7.13
N GLU L 58 -46.40 16.49 -6.23
CA GLU L 58 -45.91 16.87 -4.91
C GLU L 58 -45.20 15.66 -4.31
N CYS L 59 -44.39 15.91 -3.29
CA CYS L 59 -43.70 14.81 -2.63
C CYS L 59 -43.18 15.25 -1.26
N TYR L 60 -42.95 14.27 -0.41
CA TYR L 60 -42.41 14.46 0.93
C TYR L 60 -41.07 13.75 1.04
N ILE L 61 -40.06 14.43 1.58
CA ILE L 61 -38.71 13.89 1.69
C ILE L 61 -38.28 13.96 3.14
N ARG L 62 -37.88 12.82 3.70
CA ARG L 62 -37.31 12.79 5.04
C ARG L 62 -35.96 13.48 5.04
N GLY L 63 -35.76 14.42 5.96
CA GLY L 63 -34.52 15.17 5.96
C GLY L 63 -33.30 14.31 6.19
N ASN L 64 -33.44 13.23 6.98
CA ASN L 64 -32.29 12.39 7.24
C ASN L 64 -31.72 11.74 5.98
N ASN L 65 -32.41 11.81 4.85
CA ASN L 65 -31.91 11.18 3.62
C ASN L 65 -31.28 12.20 2.67
N ILE L 66 -31.21 13.48 3.06
CA ILE L 66 -30.71 14.55 2.20
C ILE L 66 -29.19 14.63 2.28
N LYS L 67 -28.54 14.76 1.12
CA LYS L 67 -27.12 15.12 1.13
C LYS L 67 -26.93 16.62 1.07
N TYR L 68 -27.56 17.29 0.10
CA TYR L 68 -27.39 18.74 0.12
C TYR L 68 -28.54 19.40 -0.62
N LEU L 69 -28.66 20.71 -0.40
CA LEU L 69 -29.65 21.53 -1.08
C LEU L 69 -28.97 22.67 -1.82
N ARG L 70 -29.52 23.00 -2.98
CA ARG L 70 -29.06 24.14 -3.76
C ARG L 70 -30.20 25.14 -3.86
N ILE L 71 -29.87 26.41 -3.60
CA ILE L 71 -30.82 27.49 -3.38
C ILE L 71 -30.33 28.69 -4.17
N GLN L 72 -31.27 29.48 -4.71
CA GLN L 72 -30.91 30.62 -5.54
C GLN L 72 -30.20 31.70 -4.73
N ASP L 73 -29.32 32.44 -5.43
CA ASP L 73 -28.51 33.48 -4.78
C ASP L 73 -29.38 34.58 -4.18
N GLU L 74 -30.53 34.85 -4.79
CA GLU L 74 -31.36 35.94 -4.33
C GLU L 74 -31.95 35.66 -2.96
N VAL L 75 -32.20 34.39 -2.63
CA VAL L 75 -32.69 34.08 -1.29
C VAL L 75 -31.66 34.47 -0.25
N LEU L 76 -30.41 34.06 -0.45
CA LEU L 76 -29.35 34.41 0.48
C LEU L 76 -29.17 35.92 0.56
N SER L 77 -29.20 36.60 -0.59
CA SER L 77 -29.08 38.05 -0.60
C SER L 77 -30.19 38.70 0.21
N GLN L 78 -31.43 38.24 0.01
CA GLN L 78 -32.58 38.83 0.71
C GLN L 78 -32.43 38.64 2.20
N VAL L 79 -32.04 37.43 2.63
CA VAL L 79 -31.93 37.16 4.06
C VAL L 79 -30.82 38.00 4.67
N ALA L 80 -29.67 38.10 3.99
CA ALA L 80 -28.60 38.94 4.53
C ALA L 80 -29.03 40.39 4.65
N LYS L 81 -29.74 40.91 3.65
CA LYS L 81 -30.20 42.29 3.71
C LYS L 81 -31.18 42.49 4.85
N GLN L 82 -32.07 41.52 5.05
CA GLN L 82 -33.08 41.62 6.10
C GLN L 82 -32.43 41.55 7.47
N GLN L 83 -31.43 40.68 7.64
CA GLN L 83 -30.77 40.59 8.93
C GLN L 83 -29.92 41.82 9.22
N ALA L 84 -29.31 42.41 8.18
CA ALA L 84 -28.50 43.60 8.39
C ALA L 84 -29.35 44.84 8.63
N GLN L 85 -30.61 44.83 8.20
CA GLN L 85 -31.48 45.90 8.65
C GLN L 85 -32.06 45.59 10.02
N GLN L 86 -32.27 44.31 10.31
CA GLN L 86 -32.75 43.87 11.62
C GLN L 86 -31.74 44.19 12.71
N ARG L 87 -30.45 44.24 12.35
CA ARG L 87 -29.43 44.67 13.30
C ARG L 87 -29.73 46.05 13.88
N GLU L 88 -30.34 46.94 13.09
CA GLU L 88 -30.77 48.22 13.64
C GLU L 88 -32.28 48.34 13.57
N THR M 4 -59.77 6.69 9.96
CA THR M 4 -58.41 6.24 9.70
C THR M 4 -58.06 5.02 10.56
N ILE M 5 -56.78 4.63 10.55
CA ILE M 5 -56.29 3.45 11.26
C ILE M 5 -54.94 3.80 11.86
N LEU M 6 -54.63 3.21 13.02
CA LEU M 6 -53.41 3.53 13.73
C LEU M 6 -52.43 2.38 13.57
N PRO M 7 -51.24 2.61 13.00
CA PRO M 7 -50.28 1.50 12.79
C PRO M 7 -50.07 0.64 14.01
N LEU M 8 -49.75 1.27 15.14
CA LEU M 8 -49.42 0.51 16.33
C LEU M 8 -50.64 -0.14 16.95
N GLU M 9 -51.83 0.40 16.71
CA GLU M 9 -53.01 -0.30 17.23
C GLU M 9 -53.29 -1.56 16.41
N LEU M 10 -53.08 -1.51 15.10
CA LEU M 10 -53.25 -2.72 14.30
C LEU M 10 -52.20 -3.76 14.68
N ILE M 11 -50.95 -3.32 14.86
CA ILE M 11 -49.90 -4.26 15.23
C ILE M 11 -50.18 -4.84 16.61
N ASP M 12 -50.65 -4.02 17.53
CA ASP M 12 -51.00 -4.53 18.85
C ASP M 12 -52.09 -5.58 18.70
N LYS M 13 -53.02 -5.35 17.78
CA LYS M 13 -54.01 -6.36 17.42
C LYS M 13 -53.34 -7.63 16.92
N CYS M 14 -52.10 -7.55 16.40
CA CYS M 14 -51.47 -8.72 15.81
C CYS M 14 -50.82 -9.63 16.85
N ILE M 15 -50.79 -9.24 18.12
CA ILE M 15 -50.12 -10.04 19.16
C ILE M 15 -50.78 -11.41 19.27
N GLY M 16 -49.96 -12.45 19.30
CA GLY M 16 -50.45 -13.81 19.35
C GLY M 16 -50.77 -14.41 18.00
N SER M 17 -50.85 -13.60 16.95
CA SER M 17 -51.12 -14.06 15.60
C SER M 17 -49.83 -14.05 14.81
N ASN M 18 -49.87 -14.63 13.62
CA ASN M 18 -48.66 -14.67 12.79
C ASN M 18 -48.38 -13.32 12.13
N LEU M 19 -47.10 -12.92 12.21
CA LEU M 19 -46.58 -11.66 11.70
C LEU M 19 -45.38 -11.95 10.79
N TRP M 20 -45.30 -11.17 9.72
CA TRP M 20 -44.21 -11.22 8.75
C TRP M 20 -43.45 -9.90 8.81
N VAL M 21 -42.13 -9.96 8.99
CA VAL M 21 -41.32 -8.77 9.14
C VAL M 21 -40.29 -8.73 8.02
N ILE M 22 -40.18 -7.57 7.39
CA ILE M 22 -39.29 -7.35 6.25
C ILE M 22 -38.31 -6.26 6.64
N MET M 23 -37.02 -6.57 6.58
CA MET M 23 -35.97 -5.64 6.96
C MET M 23 -35.62 -4.77 5.77
N LYS M 24 -34.87 -3.68 6.03
CA LYS M 24 -34.38 -2.91 4.90
C LYS M 24 -33.37 -3.72 4.10
N SER M 25 -32.55 -4.53 4.77
CA SER M 25 -31.71 -5.46 4.06
C SER M 25 -32.58 -6.57 3.47
N GLU M 26 -31.95 -7.44 2.69
CA GLU M 26 -32.70 -8.51 2.04
C GLU M 26 -32.84 -9.70 2.99
N ARG M 27 -33.56 -9.46 4.08
CA ARG M 27 -33.80 -10.46 5.11
C ARG M 27 -35.24 -10.31 5.57
N GLU M 28 -35.85 -11.45 5.85
CA GLU M 28 -37.21 -11.48 6.39
C GLU M 28 -37.31 -12.49 7.53
N PHE M 29 -38.29 -12.25 8.39
CA PHE M 29 -38.59 -13.15 9.48
C PHE M 29 -40.10 -13.39 9.43
N ALA M 30 -40.52 -14.60 9.76
CA ALA M 30 -41.94 -14.91 9.84
C ALA M 30 -42.18 -15.72 11.11
N GLY M 31 -43.07 -15.24 11.97
CA GLY M 31 -43.27 -15.97 13.21
C GLY M 31 -44.53 -15.50 13.88
N THR M 32 -44.73 -15.98 15.09
CA THR M 32 -45.91 -15.67 15.87
C THR M 32 -45.51 -14.50 16.76
N LEU M 33 -46.23 -13.39 16.67
CA LEU M 33 -45.83 -12.22 17.42
C LEU M 33 -46.11 -12.41 18.90
N VAL M 34 -45.07 -12.21 19.71
CA VAL M 34 -45.15 -12.35 21.16
C VAL M 34 -45.30 -11.00 21.84
N GLY M 35 -44.61 -9.97 21.34
CA GLY M 35 -44.68 -8.71 22.05
C GLY M 35 -43.71 -7.69 21.49
N PHE M 36 -43.79 -6.49 22.06
CA PHE M 36 -42.98 -5.36 21.63
C PHE M 36 -42.92 -4.30 22.71
N ASN M 41 -38.61 -2.76 18.87
CA ASN M 41 -38.02 -4.06 19.15
C ASN M 41 -39.11 -5.11 19.36
N ILE M 42 -39.08 -6.23 18.63
CA ILE M 42 -40.16 -7.20 18.80
C ILE M 42 -39.64 -8.53 19.33
N VAL M 43 -40.50 -9.25 20.07
CA VAL M 43 -40.26 -10.62 20.50
C VAL M 43 -41.16 -11.53 19.66
N LEU M 44 -40.56 -12.52 18.99
CA LEU M 44 -41.24 -13.52 18.18
C LEU M 44 -41.00 -14.94 18.68
N LYS M 45 -42.02 -15.79 18.54
CA LYS M 45 -41.93 -17.22 18.85
C LYS M 45 -42.12 -18.04 17.57
N ASP M 46 -41.47 -19.19 17.51
CA ASP M 46 -41.56 -20.13 16.39
C ASP M 46 -41.33 -19.43 15.05
N VAL M 47 -40.11 -18.94 14.90
CA VAL M 47 -39.74 -18.02 13.83
C VAL M 47 -38.98 -18.76 12.75
N THR M 48 -39.25 -18.39 11.49
CA THR M 48 -38.44 -18.77 10.34
C THR M 48 -37.73 -17.52 9.78
N GLU M 49 -36.40 -17.57 9.70
CA GLU M 49 -35.57 -16.52 9.11
C GLU M 49 -35.21 -16.85 7.65
N TYR M 50 -35.45 -15.90 6.74
CA TYR M 50 -35.20 -16.05 5.32
C TYR M 50 -34.16 -15.05 4.85
N ASP M 51 -33.03 -15.55 4.35
CA ASP M 51 -32.07 -14.74 3.60
C ASP M 51 -32.53 -14.68 2.15
N THR M 52 -33.03 -13.53 1.70
CA THR M 52 -33.65 -13.44 0.37
C THR M 52 -32.65 -13.37 -0.78
N VAL M 53 -31.35 -13.17 -0.54
CA VAL M 53 -30.42 -13.28 -1.66
C VAL M 53 -29.96 -14.73 -1.80
N THR M 54 -29.25 -15.25 -0.79
CA THR M 54 -28.75 -16.62 -0.88
C THR M 54 -29.87 -17.66 -0.78
N GLY M 55 -31.06 -17.28 -0.32
CA GLY M 55 -32.15 -18.23 -0.19
C GLY M 55 -32.08 -19.11 1.04
N VAL M 56 -31.06 -18.97 1.87
CA VAL M 56 -30.89 -19.84 3.04
C VAL M 56 -31.94 -19.51 4.10
N THR M 57 -32.54 -20.56 4.66
CA THR M 57 -33.57 -20.47 5.68
C THR M 57 -33.08 -21.09 6.98
N GLU M 58 -33.49 -20.52 8.13
CA GLU M 58 -33.14 -21.05 9.44
C GLU M 58 -34.31 -20.91 10.42
N LYS M 59 -34.42 -21.86 11.36
CA LYS M 59 -35.50 -21.85 12.34
C LYS M 59 -35.03 -21.41 13.72
N HIS M 60 -35.95 -20.81 14.48
CA HIS M 60 -35.69 -20.35 15.83
C HIS M 60 -36.90 -20.62 16.71
N SER M 61 -36.67 -21.09 17.93
CA SER M 61 -37.79 -21.30 18.84
C SER M 61 -38.33 -19.97 19.33
N GLU M 62 -37.44 -19.03 19.68
CA GLU M 62 -37.90 -17.74 20.17
C GLU M 62 -36.75 -16.74 20.07
N MET M 63 -37.07 -15.50 19.66
CA MET M 63 -36.01 -14.53 19.47
C MET M 63 -36.48 -13.09 19.68
N LEU M 64 -35.54 -12.27 20.18
CA LEU M 64 -35.66 -10.81 20.25
C LEU M 64 -35.06 -10.20 19.00
N LEU M 65 -35.90 -9.58 18.19
CA LEU M 65 -35.53 -8.93 16.93
C LEU M 65 -35.35 -7.42 17.10
N ASN M 66 -34.13 -6.93 16.85
CA ASN M 66 -33.85 -5.50 16.96
C ASN M 66 -34.74 -4.76 15.98
N GLY M 67 -35.41 -3.71 16.48
CA GLY M 67 -36.35 -2.96 15.67
C GLY M 67 -35.76 -1.95 14.71
N ASN M 68 -34.48 -1.58 14.89
CA ASN M 68 -33.91 -0.49 14.11
C ASN M 68 -33.94 -0.76 12.62
N GLY M 69 -33.78 -2.01 12.21
CA GLY M 69 -33.74 -2.36 10.81
C GLY M 69 -35.03 -2.84 10.20
N MET M 70 -36.17 -2.76 10.90
CA MET M 70 -37.37 -3.26 10.28
C MET M 70 -37.99 -2.20 9.39
N CYS M 71 -38.39 -2.64 8.20
CA CYS M 71 -39.04 -1.84 7.19
C CYS M 71 -40.55 -1.96 7.25
N MET M 72 -41.07 -3.19 7.24
CA MET M 72 -42.51 -3.40 7.12
C MET M 72 -42.95 -4.58 7.99
N LEU M 73 -44.12 -4.46 8.58
CA LEU M 73 -44.78 -5.54 9.30
C LEU M 73 -46.11 -5.89 8.63
N ILE M 74 -46.32 -7.18 8.39
CA ILE M 74 -47.46 -7.70 7.66
C ILE M 74 -48.20 -8.75 8.48
N PRO M 75 -49.40 -8.46 8.99
CA PRO M 75 -50.29 -9.44 9.63
C PRO M 75 -50.55 -10.67 8.78
N ASN N 8 -41.23 -7.91 28.04
CA ASN N 8 -39.85 -8.37 27.83
C ASN N 8 -39.43 -9.41 28.85
N GLU N 9 -40.40 -10.21 29.32
CA GLU N 9 -40.13 -11.37 30.17
C GLU N 9 -39.20 -12.36 29.47
N PHE N 10 -38.89 -12.12 28.20
CA PHE N 10 -37.87 -12.85 27.47
C PHE N 10 -36.54 -12.82 28.22
N LEU N 11 -36.15 -11.65 28.74
CA LEU N 11 -34.87 -11.48 29.41
C LEU N 11 -34.67 -12.51 30.51
N ASN N 12 -35.54 -12.52 31.54
CA ASN N 12 -35.41 -13.51 32.61
C ASN N 12 -35.31 -14.91 32.02
N LYS N 13 -36.11 -15.21 30.99
CA LYS N 13 -36.11 -16.53 30.37
C LYS N 13 -34.78 -16.84 29.70
N VAL N 14 -33.94 -15.83 29.45
CA VAL N 14 -32.79 -15.95 28.57
C VAL N 14 -31.49 -15.64 29.32
N ILE N 15 -31.53 -14.68 30.26
CA ILE N 15 -30.33 -14.35 31.01
C ILE N 15 -29.86 -15.58 31.76
N GLY N 16 -28.60 -15.94 31.56
CA GLY N 16 -28.07 -17.10 32.22
C GLY N 16 -28.16 -18.38 31.41
N LYS N 17 -28.71 -18.33 30.21
CA LYS N 17 -28.77 -19.51 29.37
C LYS N 17 -27.97 -19.25 28.10
N LYS N 18 -27.70 -20.34 27.37
CA LYS N 18 -26.98 -20.20 26.12
C LYS N 18 -27.85 -19.49 25.09
N VAL N 19 -27.26 -18.54 24.37
CA VAL N 19 -27.98 -17.78 23.37
C VAL N 19 -27.14 -17.71 22.12
N LEU N 20 -27.84 -17.49 21.02
CA LEU N 20 -27.24 -17.18 19.73
C LEU N 20 -27.50 -15.71 19.41
N ILE N 21 -26.42 -14.98 19.12
CA ILE N 21 -26.48 -13.58 18.76
C ILE N 21 -26.11 -13.48 17.30
N ARG N 22 -27.00 -12.95 16.47
CA ARG N 22 -26.62 -12.68 15.09
C ARG N 22 -26.48 -11.19 14.92
N LEU N 23 -25.31 -10.77 14.43
CA LEU N 23 -25.08 -9.40 14.04
C LEU N 23 -25.58 -9.18 12.62
N SER N 24 -25.90 -7.93 12.32
CA SER N 24 -26.35 -7.58 10.98
C SER N 24 -25.37 -8.02 9.93
N SER N 25 -24.07 -7.99 10.25
CA SER N 25 -23.04 -8.45 9.33
C SER N 25 -23.19 -9.91 8.97
N GLY N 26 -23.92 -10.68 9.77
CA GLY N 26 -24.09 -12.08 9.53
C GLY N 26 -23.24 -12.96 10.42
N VAL N 27 -22.32 -12.37 11.18
CA VAL N 27 -21.49 -13.13 12.10
C VAL N 27 -22.30 -13.55 13.30
N ASP N 28 -22.10 -14.79 13.74
CA ASP N 28 -22.87 -15.33 14.85
C ASP N 28 -21.96 -15.50 16.06
N TYR N 29 -22.53 -15.30 17.25
CA TYR N 29 -21.85 -15.53 18.52
C TYR N 29 -22.75 -16.40 19.37
N LYS N 30 -22.19 -17.43 19.95
CA LYS N 30 -22.93 -18.31 20.84
C LYS N 30 -22.30 -18.26 22.21
N GLY N 31 -23.11 -18.08 23.24
CA GLY N 31 -22.55 -18.11 24.59
C GLY N 31 -23.61 -17.89 25.64
N ILE N 32 -23.20 -18.08 26.89
CA ILE N 32 -24.10 -17.82 28.00
C ILE N 32 -24.25 -16.31 28.17
N LEU N 33 -25.50 -15.85 28.21
CA LEU N 33 -25.77 -14.42 28.34
C LEU N 33 -25.64 -13.99 29.80
N SER N 34 -24.62 -13.20 30.12
CA SER N 34 -24.52 -12.62 31.46
C SER N 34 -25.51 -11.49 31.64
N CYS N 35 -25.54 -10.58 30.68
CA CYS N 35 -26.25 -9.32 30.92
C CYS N 35 -26.59 -8.67 29.61
N LEU N 36 -27.61 -7.83 29.68
CA LEU N 36 -28.19 -7.10 28.57
C LEU N 36 -28.56 -5.72 29.11
N ASP N 37 -28.61 -4.72 28.23
CA ASP N 37 -29.01 -3.38 28.66
C ASP N 37 -29.95 -2.79 27.62
N GLY N 38 -30.37 -1.54 27.85
CA GLY N 38 -31.37 -0.94 26.99
C GLY N 38 -30.95 -0.78 25.55
N TYR N 39 -29.68 -0.53 25.30
CA TYR N 39 -29.21 -0.42 23.93
C TYR N 39 -28.89 -1.78 23.34
N MET N 40 -29.22 -2.85 24.07
CA MET N 40 -28.92 -4.22 23.67
C MET N 40 -27.43 -4.50 23.64
N ASN N 41 -26.65 -3.74 24.40
CA ASN N 41 -25.29 -4.19 24.69
C ASN N 41 -25.34 -5.51 25.44
N LEU N 42 -24.44 -6.43 25.08
CA LEU N 42 -24.44 -7.78 25.64
C LEU N 42 -23.14 -8.04 26.37
N ALA N 43 -23.22 -8.82 27.43
CA ALA N 43 -22.07 -9.51 28.00
C ALA N 43 -22.33 -11.00 28.01
N LEU N 44 -21.39 -11.76 27.43
CA LEU N 44 -21.42 -13.21 27.28
C LEU N 44 -20.26 -13.82 28.08
N GLU N 45 -20.43 -15.12 28.40
CA GLU N 45 -19.56 -15.80 29.35
C GLU N 45 -18.55 -16.77 28.78
N ARG N 46 -18.77 -17.28 27.59
CA ARG N 46 -17.79 -18.18 26.99
C ARG N 46 -18.23 -18.14 25.53
N THR N 47 -17.74 -17.14 24.83
CA THR N 47 -18.26 -16.82 23.53
C THR N 47 -17.52 -17.59 22.47
N GLU N 48 -18.28 -18.16 21.54
CA GLU N 48 -17.78 -18.77 20.32
C GLU N 48 -18.27 -17.98 19.13
N GLU N 49 -17.38 -17.69 18.19
CA GLU N 49 -17.72 -16.90 17.02
C GLU N 49 -17.83 -17.82 15.81
N TYR N 50 -18.83 -17.62 14.98
CA TYR N 50 -19.07 -18.48 13.82
C TYR N 50 -19.24 -17.60 12.59
N VAL N 51 -18.42 -17.85 11.57
CA VAL N 51 -18.52 -17.14 10.30
C VAL N 51 -18.75 -18.10 9.15
N ASN N 52 -19.71 -17.77 8.28
CA ASN N 52 -20.23 -18.71 7.31
C ASN N 52 -20.61 -20.05 7.96
N GLY N 53 -20.91 -20.04 9.26
CA GLY N 53 -21.32 -21.24 9.97
C GLY N 53 -20.18 -22.03 10.62
N LYS N 54 -18.92 -21.63 10.40
CA LYS N 54 -17.76 -22.38 10.89
C LYS N 54 -17.30 -21.70 12.18
N LYS N 55 -16.93 -22.48 13.20
CA LYS N 55 -16.33 -21.86 14.39
C LYS N 55 -14.95 -21.27 14.12
N THR N 56 -14.79 -19.97 14.35
CA THR N 56 -13.57 -19.25 14.04
C THR N 56 -12.79 -18.78 15.27
N ASN N 57 -13.47 -18.47 16.37
CA ASN N 57 -12.77 -17.99 17.54
C ASN N 57 -13.52 -18.31 18.82
N VAL N 58 -12.77 -18.34 19.92
CA VAL N 58 -13.33 -18.50 21.25
C VAL N 58 -12.79 -17.36 22.12
N TYR N 59 -13.70 -16.60 22.75
CA TYR N 59 -13.39 -15.50 23.64
C TYR N 59 -13.84 -15.95 25.02
N GLY N 60 -13.06 -15.63 26.06
CA GLY N 60 -13.44 -16.10 27.38
C GLY N 60 -14.58 -15.35 28.02
N ASP N 61 -14.80 -14.12 27.61
CA ASP N 61 -15.87 -13.23 28.02
C ASP N 61 -16.00 -12.28 26.87
N ALA N 62 -17.21 -11.78 26.61
CA ALA N 62 -17.28 -10.81 25.54
C ALA N 62 -18.31 -9.73 25.81
N PHE N 63 -17.95 -8.50 25.51
CA PHE N 63 -18.90 -7.41 25.41
C PHE N 63 -19.18 -7.19 23.93
N ILE N 64 -20.46 -7.24 23.57
CA ILE N 64 -20.88 -6.96 22.19
C ILE N 64 -21.70 -5.68 22.22
N ARG N 65 -21.34 -4.75 21.33
CA ARG N 65 -22.00 -3.44 21.26
C ARG N 65 -23.35 -3.58 20.58
N GLY N 66 -24.39 -3.04 21.20
CA GLY N 66 -25.74 -3.41 20.80
C GLY N 66 -26.16 -2.93 19.41
N ASN N 67 -25.57 -1.85 18.92
CA ASN N 67 -25.99 -1.35 17.61
C ASN N 67 -25.78 -2.35 16.49
N ASN N 68 -24.89 -3.31 16.68
CA ASN N 68 -24.58 -4.32 15.67
C ASN N 68 -25.50 -5.53 15.74
N VAL N 69 -26.24 -5.68 16.83
CA VAL N 69 -26.99 -6.91 17.05
C VAL N 69 -28.25 -6.90 16.19
N LEU N 70 -28.38 -7.94 15.37
CA LEU N 70 -29.62 -8.14 14.63
C LEU N 70 -30.64 -8.89 15.48
N TYR N 71 -30.24 -9.96 16.14
CA TYR N 71 -31.17 -10.58 17.06
C TYR N 71 -30.47 -11.38 18.15
N VAL N 72 -31.24 -11.68 19.20
CA VAL N 72 -30.91 -12.60 20.28
C VAL N 72 -31.91 -13.75 20.20
N SER N 73 -31.40 -14.96 20.01
CA SER N 73 -32.24 -16.14 19.89
C SER N 73 -31.88 -17.19 20.92
N ALA N 74 -32.92 -17.80 21.50
CA ALA N 74 -32.78 -18.76 22.57
C ALA N 74 -32.38 -20.12 22.01
N LEU N 75 -31.64 -20.88 22.82
CA LEU N 75 -31.15 -22.19 22.41
C LEU N 75 -31.67 -23.32 23.32
N SER O 24 -46.65 17.59 12.26
CA SER O 24 -46.24 16.97 11.00
C SER O 24 -46.67 17.85 9.83
N ILE O 25 -45.71 18.24 8.99
CA ILE O 25 -45.99 19.14 7.88
C ILE O 25 -46.74 18.42 6.77
N LEU O 26 -46.99 17.12 6.95
CA LEU O 26 -47.86 16.42 6.02
C LEU O 26 -48.93 15.59 6.75
N TYR O 31 -54.25 12.67 1.99
CA TYR O 31 -53.92 11.44 1.27
C TYR O 31 -54.78 10.25 1.63
N GLN O 32 -55.71 10.42 2.55
CA GLN O 32 -56.45 9.27 3.07
C GLN O 32 -57.23 8.57 1.97
N ASP O 33 -57.11 7.25 1.93
CA ASP O 33 -57.70 6.38 0.91
C ASP O 33 -57.20 6.63 -0.50
N GLN O 34 -56.17 7.46 -0.69
CA GLN O 34 -55.58 7.62 -2.00
C GLN O 34 -54.33 6.75 -2.10
N ARG O 35 -53.99 6.36 -3.33
CA ARG O 35 -52.82 5.52 -3.56
C ARG O 35 -51.55 6.34 -3.61
N ILE O 36 -50.55 5.93 -2.82
CA ILE O 36 -49.27 6.62 -2.71
C ILE O 36 -48.14 5.62 -3.02
N GLN O 37 -46.98 6.16 -3.32
CA GLN O 37 -45.75 5.40 -3.45
C GLN O 37 -44.76 5.80 -2.36
N ALA O 38 -43.98 4.84 -1.89
CA ALA O 38 -43.05 5.05 -0.79
C ALA O 38 -41.73 4.37 -1.09
N THR O 39 -40.66 4.98 -0.62
CA THR O 39 -39.31 4.50 -0.81
C THR O 39 -38.62 4.43 0.55
N PHE O 40 -37.86 3.36 0.76
CA PHE O 40 -37.27 3.08 2.06
C PHE O 40 -35.76 3.21 1.99
N THR O 41 -35.16 3.55 3.12
CA THR O 41 -33.71 3.51 3.19
C THR O 41 -33.28 2.06 3.02
N GLY O 42 -32.28 1.86 2.16
CA GLY O 42 -31.91 0.54 1.72
C GLY O 42 -32.39 0.20 0.33
N GLY O 43 -33.30 1.00 -0.24
CA GLY O 43 -33.69 0.88 -1.63
C GLY O 43 -35.10 0.36 -1.87
N ARG O 44 -35.70 -0.36 -0.92
CA ARG O 44 -37.02 -0.94 -1.13
C ARG O 44 -38.03 0.12 -1.54
N GLN O 45 -38.94 -0.26 -2.43
CA GLN O 45 -39.91 0.63 -3.04
C GLN O 45 -41.24 -0.09 -3.08
N ILE O 46 -42.29 0.57 -2.58
CA ILE O 46 -43.60 -0.02 -2.48
C ILE O 46 -44.60 1.01 -2.96
N THR O 47 -45.80 0.53 -3.31
CA THR O 47 -46.98 1.36 -3.48
C THR O 47 -48.11 0.80 -2.64
N GLY O 48 -49.11 1.62 -2.36
CA GLY O 48 -50.25 1.15 -1.59
C GLY O 48 -51.20 2.28 -1.26
N ILE O 49 -52.39 1.87 -0.82
CA ILE O 49 -53.46 2.81 -0.47
C ILE O 49 -53.32 3.21 0.99
N LEU O 50 -53.16 4.51 1.23
CA LEU O 50 -53.05 5.04 2.59
C LEU O 50 -54.36 4.83 3.35
N LYS O 51 -54.34 3.95 4.37
CA LYS O 51 -55.50 3.70 5.20
C LYS O 51 -55.31 4.19 6.63
N GLY O 52 -54.09 4.53 7.05
CA GLY O 52 -53.87 5.19 8.31
C GLY O 52 -52.45 5.69 8.47
N PHE O 53 -52.23 6.43 9.55
CA PHE O 53 -50.93 6.99 9.89
C PHE O 53 -50.96 7.43 11.34
N ASP O 54 -49.78 7.67 11.91
CA ASP O 54 -49.66 8.34 13.20
C ASP O 54 -48.63 9.46 13.11
N GLN O 55 -48.29 10.09 14.22
CA GLN O 55 -47.48 11.30 14.13
C GLN O 55 -46.00 10.98 13.91
N LEU O 56 -45.53 9.82 14.40
CA LEU O 56 -44.18 9.36 14.06
C LEU O 56 -44.04 8.89 12.62
N MET O 57 -45.13 8.95 11.85
CA MET O 57 -45.19 8.62 10.44
C MET O 57 -45.09 7.13 10.16
N ASN O 58 -45.40 6.28 11.13
CA ASN O 58 -45.71 4.91 10.76
C ASN O 58 -46.96 4.94 9.88
N LEU O 59 -47.03 4.03 8.93
CA LEU O 59 -48.14 4.03 7.99
C LEU O 59 -48.84 2.68 8.02
N VAL O 60 -50.13 2.71 7.72
CA VAL O 60 -50.88 1.53 7.37
C VAL O 60 -51.28 1.70 5.91
N LEU O 61 -50.75 0.82 5.06
CA LEU O 61 -51.03 0.85 3.65
C LEU O 61 -51.70 -0.46 3.31
N ASP O 62 -52.72 -0.40 2.46
CA ASP O 62 -53.38 -1.63 2.03
C ASP O 62 -53.10 -1.86 0.56
N ASP O 63 -53.26 -3.11 0.16
CA ASP O 63 -53.03 -3.56 -1.21
C ASP O 63 -51.64 -3.15 -1.68
N VAL O 64 -50.66 -3.30 -0.79
CA VAL O 64 -49.31 -2.84 -1.10
C VAL O 64 -48.68 -3.80 -2.10
N GLU O 65 -47.91 -3.26 -3.04
CA GLU O 65 -47.09 -4.05 -3.96
C GLU O 65 -45.66 -3.51 -3.95
N GLU O 66 -44.69 -4.39 -3.73
CA GLU O 66 -43.28 -4.01 -3.79
C GLU O 66 -42.69 -4.24 -5.18
N GLN O 67 -42.04 -3.20 -5.70
CA GLN O 67 -41.32 -3.28 -6.97
C GLN O 67 -39.92 -3.82 -6.70
N LEU O 68 -39.62 -5.00 -7.21
CA LEU O 68 -38.38 -5.71 -6.90
C LEU O 68 -37.19 -5.16 -7.68
N ARG O 69 -36.00 -5.46 -7.17
CA ARG O 69 -34.74 -5.04 -7.78
C ARG O 69 -33.88 -6.29 -8.01
N ALA O 79 -40.67 -6.06 -12.23
CA ALA O 79 -41.19 -7.18 -11.46
C ALA O 79 -41.74 -6.69 -10.11
N ILE O 80 -42.80 -7.34 -9.63
CA ILE O 80 -43.47 -6.94 -8.39
C ILE O 80 -43.87 -8.17 -7.60
N ARG O 81 -44.08 -7.97 -6.30
CA ARG O 81 -44.82 -8.90 -5.44
C ARG O 81 -45.88 -8.14 -4.66
N LYS O 82 -46.96 -8.83 -4.30
CA LYS O 82 -48.08 -8.21 -3.60
C LYS O 82 -48.00 -8.62 -2.13
N LEU O 83 -47.98 -7.64 -1.23
CA LEU O 83 -47.83 -7.88 0.19
C LEU O 83 -49.12 -7.68 1.00
N GLY O 84 -50.19 -7.20 0.39
CA GLY O 84 -51.45 -7.02 1.10
C GLY O 84 -51.47 -5.85 2.06
N LEU O 85 -51.99 -6.04 3.27
CA LEU O 85 -52.11 -4.96 4.24
C LEU O 85 -50.86 -4.92 5.11
N VAL O 86 -50.13 -3.81 5.07
CA VAL O 86 -48.84 -3.67 5.76
C VAL O 86 -48.78 -2.44 6.64
N VAL O 87 -48.02 -2.56 7.73
CA VAL O 87 -47.56 -1.43 8.52
C VAL O 87 -46.11 -1.14 8.17
N VAL O 88 -45.84 0.09 7.74
CA VAL O 88 -44.47 0.54 7.48
C VAL O 88 -44.02 1.40 8.65
N ARG O 89 -42.75 1.24 9.03
CA ARG O 89 -42.17 1.98 10.15
C ARG O 89 -41.67 3.34 9.65
N GLY O 90 -42.21 4.42 10.22
CA GLY O 90 -41.90 5.74 9.72
C GLY O 90 -40.42 6.08 9.73
N THR O 91 -39.66 5.48 10.64
CA THR O 91 -38.24 5.83 10.72
C THR O 91 -37.45 5.41 9.48
N THR O 92 -37.98 4.48 8.69
CA THR O 92 -37.26 3.98 7.52
C THR O 92 -37.71 4.62 6.21
N LEU O 93 -38.74 5.47 6.24
CA LEU O 93 -39.21 6.15 5.03
C LEU O 93 -38.15 7.16 4.60
N VAL O 94 -37.88 7.22 3.30
CA VAL O 94 -37.18 8.37 2.71
C VAL O 94 -38.11 9.23 1.88
N LEU O 95 -39.03 8.62 1.13
CA LEU O 95 -39.86 9.37 0.20
C LEU O 95 -41.29 8.86 0.20
N ILE O 96 -42.22 9.83 0.16
CA ILE O 96 -43.65 9.60 0.00
C ILE O 96 -44.13 10.51 -1.13
N ALA O 97 -44.80 9.93 -2.12
CA ALA O 97 -45.37 10.71 -3.20
C ALA O 97 -46.71 10.08 -3.57
N PRO O 98 -47.66 10.88 -4.06
CA PRO O 98 -48.90 10.29 -4.55
C PRO O 98 -48.69 9.63 -5.90
N MET O 99 -49.45 8.57 -6.14
CA MET O 99 -49.36 7.89 -7.43
C MET O 99 -50.11 8.67 -8.51
N ASP O 100 -51.15 9.40 -8.11
CA ASP O 100 -51.99 10.12 -9.06
C ASP O 100 -51.26 11.36 -9.58
N GLY O 101 -51.07 11.44 -10.88
CA GLY O 101 -50.33 12.53 -11.48
C GLY O 101 -48.84 12.31 -11.56
N SER O 102 -48.34 11.22 -11.01
CA SER O 102 -46.93 10.86 -11.14
C SER O 102 -46.75 10.07 -12.43
N GLU O 103 -45.74 10.42 -13.21
CA GLU O 103 -45.49 9.75 -14.47
C GLU O 103 -44.01 9.80 -14.81
N GLU O 104 -43.54 8.80 -15.55
CA GLU O 104 -42.21 8.86 -16.12
C GLU O 104 -42.17 9.84 -17.29
N ILE O 105 -41.09 10.61 -17.36
CA ILE O 105 -40.90 11.59 -18.42
C ILE O 105 -39.51 11.34 -19.03
N PRO O 106 -39.30 11.75 -20.29
CA PRO O 106 -37.95 11.75 -20.87
C PRO O 106 -37.04 12.87 -20.35
N MET P 1 -18.62 27.55 17.51
CA MET P 1 -17.73 26.39 17.35
C MET P 1 -16.41 26.83 16.72
N SER P 2 -15.46 25.90 16.61
CA SER P 2 -14.25 26.17 15.84
C SER P 2 -14.60 26.62 14.43
N LEU P 3 -15.77 26.21 13.92
CA LEU P 3 -16.20 26.70 12.62
C LEU P 3 -16.47 28.20 12.61
N ALA P 4 -16.76 28.79 13.77
CA ALA P 4 -16.81 30.24 13.82
C ALA P 4 -15.50 30.87 13.38
N ASP P 5 -14.37 30.17 13.54
CA ASP P 5 -13.10 30.68 13.04
C ASP P 5 -13.07 30.84 11.53
N PHE P 6 -13.90 30.10 10.80
CA PHE P 6 -13.89 30.13 9.36
C PHE P 6 -14.95 31.02 8.74
N MET P 7 -15.77 31.67 9.56
CA MET P 7 -16.90 32.41 9.01
C MET P 7 -16.46 33.47 8.01
N GLU P 8 -17.24 33.58 6.94
CA GLU P 8 -17.09 34.58 5.88
C GLU P 8 -15.77 34.43 5.13
N GLN P 9 -15.14 33.26 5.18
CA GLN P 9 -13.90 33.02 4.45
C GLN P 9 -14.07 31.82 3.53
N ARG P 10 -13.18 31.72 2.54
CA ARG P 10 -13.18 30.60 1.63
C ARG P 10 -12.81 29.33 2.37
N VAL P 11 -13.59 28.29 2.12
CA VAL P 11 -13.54 27.07 2.88
C VAL P 11 -13.68 25.95 1.87
N GLN P 12 -13.12 24.79 2.18
CA GLN P 12 -13.14 23.63 1.30
C GLN P 12 -13.68 22.47 2.10
N VAL P 13 -14.84 21.97 1.70
CA VAL P 13 -15.55 20.94 2.44
C VAL P 13 -15.33 19.61 1.73
N ILE P 14 -14.96 18.60 2.51
CA ILE P 14 -14.91 17.21 2.07
C ILE P 14 -16.10 16.50 2.67
N THR P 15 -16.92 15.90 1.81
CA THR P 15 -18.14 15.24 2.20
C THR P 15 -17.94 13.73 2.30
N ASN P 16 -18.95 13.05 2.86
CA ASN P 16 -18.82 11.63 3.12
C ASN P 16 -18.75 10.82 1.83
N ASP P 17 -19.25 11.35 0.71
CA ASP P 17 -19.17 10.68 -0.59
C ASP P 17 -17.91 11.08 -1.37
N GLY P 18 -16.96 11.74 -0.73
CA GLY P 18 -15.66 12.02 -1.32
C GLY P 18 -15.59 13.28 -2.15
N ARG P 19 -16.63 14.09 -2.18
CA ARG P 19 -16.63 15.24 -3.05
C ARG P 19 -15.99 16.44 -2.36
N VAL P 20 -15.48 17.37 -3.15
CA VAL P 20 -14.77 18.54 -2.68
C VAL P 20 -15.49 19.78 -3.15
N VAL P 21 -16.03 20.58 -2.23
CA VAL P 21 -16.70 21.78 -2.69
C VAL P 21 -16.19 22.97 -1.88
N LEU P 22 -15.87 24.06 -2.57
CA LEU P 22 -15.29 25.25 -2.00
C LEU P 22 -16.32 26.36 -2.01
N GLY P 23 -16.28 27.22 -1.00
CA GLY P 23 -17.13 28.39 -1.02
C GLY P 23 -16.95 29.21 0.24
N SER P 24 -17.67 30.32 0.30
CA SER P 24 -17.60 31.19 1.46
C SER P 24 -18.50 30.68 2.55
N LEU P 25 -17.96 30.50 3.75
CA LEU P 25 -18.77 29.96 4.82
C LEU P 25 -19.66 31.09 5.30
N LYS P 26 -20.97 30.95 5.08
CA LYS P 26 -21.94 31.94 5.50
C LYS P 26 -22.67 31.56 6.77
N GLY P 27 -22.59 30.30 7.19
CA GLY P 27 -23.18 29.91 8.44
C GLY P 27 -23.11 28.42 8.71
N PHE P 28 -23.33 28.04 9.97
CA PHE P 28 -23.32 26.65 10.36
C PHE P 28 -24.21 26.52 11.59
N ASP P 29 -24.51 25.28 12.00
CA ASP P 29 -25.19 25.05 13.26
C ASP P 29 -24.61 23.83 13.96
N HIS P 30 -25.21 23.50 15.10
CA HIS P 30 -24.71 22.49 16.01
C HIS P 30 -24.80 21.07 15.45
N THR P 31 -25.41 20.87 14.29
CA THR P 31 -25.36 19.57 13.62
C THR P 31 -24.35 19.56 12.47
N THR P 32 -23.62 20.66 12.29
CA THR P 32 -22.65 20.87 11.22
C THR P 32 -23.30 21.08 9.86
N ASN P 33 -24.61 21.34 9.80
CA ASN P 33 -25.17 21.94 8.59
C ASN P 33 -24.34 23.18 8.23
N LEU P 34 -24.15 23.40 6.93
CA LEU P 34 -23.36 24.52 6.44
C LEU P 34 -24.08 25.25 5.33
N ILE P 35 -23.84 26.56 5.25
CA ILE P 35 -24.17 27.36 4.08
C ILE P 35 -22.88 27.79 3.42
N LEU P 36 -22.72 27.46 2.13
CA LEU P 36 -21.64 27.99 1.31
C LEU P 36 -22.22 28.86 0.21
N SER P 37 -21.60 30.00 -0.05
CA SER P 37 -22.00 30.81 -1.20
C SER P 37 -20.84 30.97 -2.16
N ASP P 38 -21.18 31.34 -3.39
CA ASP P 38 -20.23 31.36 -4.49
C ASP P 38 -19.42 30.08 -4.53
N SER P 39 -20.07 28.96 -4.30
CA SER P 39 -19.36 27.70 -4.16
C SER P 39 -19.21 26.99 -5.51
N PHE P 40 -18.25 26.06 -5.55
CA PHE P 40 -18.05 25.22 -6.71
C PHE P 40 -17.42 23.91 -6.27
N GLU P 41 -17.61 22.88 -7.08
CA GLU P 41 -16.99 21.58 -6.82
C GLU P 41 -15.73 21.42 -7.66
N ARG P 42 -14.73 20.76 -7.08
CA ARG P 42 -13.53 20.40 -7.80
C ARG P 42 -13.51 18.89 -7.90
N ILE P 43 -13.36 18.39 -9.11
CA ILE P 43 -13.21 16.96 -9.34
C ILE P 43 -11.80 16.75 -9.85
N ILE P 44 -10.93 16.41 -8.94
CA ILE P 44 -9.58 15.95 -9.22
C ILE P 44 -9.63 14.44 -9.42
N SER P 45 -8.93 13.97 -10.45
CA SER P 45 -8.84 12.56 -10.78
C SER P 45 -7.40 12.28 -11.20
N MET P 46 -7.12 11.03 -11.56
CA MET P 46 -5.83 10.70 -12.14
C MET P 46 -5.86 10.68 -13.65
N ASP P 47 -6.99 10.36 -14.25
CA ASP P 47 -7.03 10.17 -15.69
C ASP P 47 -7.21 11.47 -16.47
N GLN P 48 -7.89 12.48 -15.90
CA GLN P 48 -8.23 13.68 -16.66
C GLN P 48 -7.94 14.93 -15.84
N ASP P 49 -7.83 16.07 -16.53
CA ASP P 49 -7.61 17.36 -15.87
C ASP P 49 -8.72 17.67 -14.88
N MET P 50 -8.44 18.57 -13.95
CA MET P 50 -9.41 18.92 -12.91
C MET P 50 -10.63 19.61 -13.49
N GLU P 51 -11.81 19.18 -13.00
CA GLU P 51 -13.07 19.82 -13.34
C GLU P 51 -13.54 20.73 -12.22
N THR P 52 -14.17 21.85 -12.60
CA THR P 52 -14.76 22.78 -11.63
C THR P 52 -16.21 23.00 -12.02
N ILE P 53 -17.15 22.65 -11.15
CA ILE P 53 -18.57 22.83 -11.43
C ILE P 53 -19.09 23.96 -10.55
N PRO P 54 -19.70 25.00 -11.10
CA PRO P 54 -20.27 26.05 -10.26
C PRO P 54 -21.55 25.59 -9.57
N LEU P 55 -21.69 25.93 -8.29
CA LEU P 55 -22.83 25.52 -7.49
C LEU P 55 -23.63 26.63 -6.83
N GLY P 56 -23.11 27.86 -6.75
CA GLY P 56 -23.92 28.92 -6.17
C GLY P 56 -24.03 28.77 -4.66
N VAL P 57 -25.25 28.93 -4.13
CA VAL P 57 -25.50 28.74 -2.71
C VAL P 57 -25.81 27.28 -2.45
N TYR P 58 -25.13 26.71 -1.46
CA TYR P 58 -25.08 25.28 -1.21
C TYR P 58 -25.35 25.06 0.27
N LEU P 59 -26.47 24.42 0.60
CA LEU P 59 -26.72 24.01 1.97
C LEU P 59 -26.37 22.55 2.13
N LEU P 60 -25.40 22.26 2.99
CA LEU P 60 -24.89 20.91 3.17
C LEU P 60 -25.37 20.41 4.52
N ARG P 61 -25.98 19.23 4.53
CA ARG P 61 -26.45 18.64 5.77
C ARG P 61 -25.26 18.07 6.53
N GLY P 62 -25.19 18.36 7.83
CA GLY P 62 -23.97 18.07 8.59
C GLY P 62 -23.61 16.59 8.64
N GLU P 63 -24.62 15.72 8.67
CA GLU P 63 -24.43 14.28 8.58
C GLU P 63 -23.51 13.87 7.44
N ASN P 64 -23.40 14.69 6.41
CA ASN P 64 -22.64 14.34 5.22
C ASN P 64 -21.29 15.06 5.18
N VAL P 65 -20.96 15.85 6.19
CA VAL P 65 -19.73 16.66 6.25
C VAL P 65 -18.68 15.88 7.02
N ALA P 66 -17.54 15.62 6.36
CA ALA P 66 -16.40 15.02 7.00
C ALA P 66 -15.41 16.07 7.47
N MET P 67 -15.03 17.00 6.61
CA MET P 67 -14.02 17.97 6.97
C MET P 67 -14.37 19.32 6.40
N VAL P 68 -14.00 20.37 7.12
CA VAL P 68 -14.06 21.73 6.61
C VAL P 68 -12.67 22.32 6.80
N GLY P 69 -11.98 22.59 5.70
CA GLY P 69 -10.63 23.16 5.75
C GLY P 69 -10.71 24.62 5.35
N LEU P 70 -9.90 25.44 5.99
CA LEU P 70 -9.81 26.85 5.63
C LEU P 70 -8.74 26.96 4.54
N VAL P 71 -9.13 27.46 3.37
CA VAL P 71 -8.18 27.52 2.26
C VAL P 71 -7.32 28.75 2.42
N ASN P 72 -6.01 28.53 2.43
CA ASN P 72 -5.00 29.55 2.58
C ASN P 72 -4.72 30.18 1.23
N GLU P 73 -5.04 31.46 1.07
CA GLU P 73 -5.04 32.08 -0.26
C GLU P 73 -3.66 32.08 -0.91
N GLU P 74 -2.59 32.28 -0.14
CA GLU P 74 -1.28 32.30 -0.78
C GLU P 74 -0.92 30.91 -1.31
N LEU P 75 -1.02 29.89 -0.45
CA LEU P 75 -0.79 28.53 -0.89
C LEU P 75 -1.61 28.18 -2.12
N ASP P 76 -2.89 28.57 -2.13
CA ASP P 76 -3.75 28.23 -3.26
C ASP P 76 -3.39 29.02 -4.51
N SER P 77 -2.89 30.25 -4.34
CA SER P 77 -2.43 31.02 -5.49
C SER P 77 -1.20 30.39 -6.13
N GLU P 78 -0.34 29.77 -5.32
CA GLU P 78 0.87 29.14 -5.86
C GLU P 78 0.58 27.86 -6.65
N ILE P 79 -0.60 27.25 -6.48
CA ILE P 79 -0.90 25.95 -7.07
C ILE P 79 -1.63 26.14 -8.38
N GLU P 80 -1.24 25.37 -9.39
CA GLU P 80 -1.94 25.32 -10.67
C GLU P 80 -2.84 24.09 -10.68
N TRP P 81 -4.06 24.26 -10.20
CA TRP P 81 -4.99 23.15 -10.03
C TRP P 81 -5.36 22.49 -11.36
N THR P 82 -5.19 23.19 -12.48
CA THR P 82 -5.53 22.61 -13.77
C THR P 82 -4.72 21.34 -14.02
N LYS P 83 -3.40 21.44 -13.88
CA LYS P 83 -2.48 20.32 -14.09
C LYS P 83 -2.26 19.47 -12.84
N ILE P 84 -3.25 19.35 -11.95
CA ILE P 84 -3.09 18.58 -10.71
C ILE P 84 -3.85 17.26 -10.87
N ARG P 85 -3.19 16.15 -10.51
CA ARG P 85 -3.83 14.85 -10.58
C ARG P 85 -3.81 14.19 -9.22
N GLY P 86 -4.80 13.35 -8.97
CA GLY P 86 -4.92 12.73 -7.66
C GLY P 86 -6.00 11.68 -7.66
N GLU P 87 -6.05 10.91 -6.58
CA GLU P 87 -7.05 9.87 -6.45
C GLU P 87 -8.40 10.43 -5.98
N ALA P 88 -9.46 9.74 -6.36
CA ALA P 88 -10.78 10.05 -5.82
C ALA P 88 -10.75 9.86 -4.32
N ILE P 89 -11.33 10.80 -3.58
CA ILE P 89 -11.44 10.62 -2.14
C ILE P 89 -12.41 9.48 -1.85
N PRO P 90 -12.07 8.53 -0.99
CA PRO P 90 -12.98 7.41 -0.74
C PRO P 90 -14.21 7.85 0.05
N ASP P 91 -15.24 7.02 -0.03
CA ASP P 91 -16.44 7.26 0.78
C ASP P 91 -16.14 7.01 2.26
N VAL P 92 -16.84 7.75 3.12
CA VAL P 92 -16.84 7.39 4.53
C VAL P 92 -17.59 6.08 4.70
N VAL P 93 -16.99 5.13 5.40
CA VAL P 93 -17.66 3.87 5.72
C VAL P 93 -17.93 3.83 7.21
N HIS P 94 -19.20 3.81 7.57
CA HIS P 94 -19.56 3.77 8.98
C HIS P 94 -19.53 2.31 9.45
#